data_1E55
#
_entry.id   1E55
#
_cell.length_a   91.800
_cell.length_b   95.000
_cell.length_c   117.500
_cell.angle_alpha   90.00
_cell.angle_beta   90.00
_cell.angle_gamma   90.00
#
_symmetry.space_group_name_H-M   'P 21 21 21'
#
loop_
_entity.id
_entity.type
_entity.pdbx_description
1 polymer BETA-GLUCOSIDASE
2 non-polymer beta-D-glucopyranose
3 non-polymer (2S)-HYDROXY(4-HYDROXYPHENYL)ETHANENITRILE
4 water water
#
_entity_poly.entity_id   1
_entity_poly.type   'polypeptide(L)'
_entity_poly.pdbx_seq_one_letter_code
;SARVGSQNGVQMLSPSEIPQRDWFPSDFTFGAATSAYQIEGAWNEDGKGESNWDHFCHNHPERILDGSNSDIGANSYHMY
KTDVRLLKEMGMDAYRFSISWPRILPKGTKEGGINPDGIKYYRNLINLLLENGIEPYVTIFHWDVPQALEEKYGGFLDKS
HKSIVEDYTYFAKVCFDNFGDKVKNWLTFNDPQTFTSFSYGTGVFAPGRCSPGLDCAYPTGNSLVEPYTAGHNILLAHAE
AVDLYNKHYKRDDTRIGLAFDVMGRVPYGTSFLDKQAEERSWDINLGWFLEPVVRGDYPFSMRSLARERLPFFKDEQKEK
LAGSYNMLGLNYYTSRFSKNIDISPNYSPVLNTDDAYASQEVNGPDGKPIGPPMGNPWIYMYPEGLKDLLMIMKNKYGNP
PIYITENGIGDVDTKETPLPMEAALNDYKRLDYIQRHIATLKESIDLGSNVQGYFAWSLLDNFEWFAGFTERYGIVYVDR
NNNCTRYMKESAKWLKEFNTAKKPSKKILTPA
;
_entity_poly.pdbx_strand_id   A,B
#
loop_
_chem_comp.id
_chem_comp.type
_chem_comp.name
_chem_comp.formula
BGC D-saccharide, beta linking beta-D-glucopyranose 'C6 H12 O6'
DHR non-polymer (2S)-HYDROXY(4-HYDROXYPHENYL)ETHANENITRILE 'C8 H7 N O2'
#
# COMPACT_ATOMS: atom_id res chain seq x y z
N VAL A 10 12.22 -20.91 29.76
CA VAL A 10 12.73 -20.98 31.16
C VAL A 10 12.77 -19.57 31.76
N GLN A 11 13.41 -18.64 31.05
CA GLN A 11 13.51 -17.26 31.51
C GLN A 11 12.11 -16.70 31.74
N MET A 12 11.61 -16.83 32.96
CA MET A 12 10.26 -16.36 33.28
C MET A 12 10.19 -14.98 33.92
N LEU A 13 8.98 -14.43 33.95
CA LEU A 13 8.72 -13.11 34.51
C LEU A 13 8.97 -13.04 36.01
N SER A 14 9.44 -11.89 36.48
CA SER A 14 9.70 -11.71 37.90
C SER A 14 8.35 -11.51 38.59
N PRO A 15 8.29 -11.75 39.90
CA PRO A 15 7.05 -11.60 40.68
C PRO A 15 6.22 -10.36 40.31
N SER A 16 6.88 -9.21 40.23
CA SER A 16 6.18 -7.98 39.90
C SER A 16 5.68 -7.94 38.46
N GLU A 17 6.26 -8.78 37.59
CA GLU A 17 5.86 -8.82 36.19
C GLU A 17 4.73 -9.82 35.90
N ILE A 18 4.56 -10.81 36.77
CA ILE A 18 3.51 -11.80 36.58
C ILE A 18 2.15 -11.12 36.65
N PRO A 19 1.33 -11.31 35.62
CA PRO A 19 0.00 -10.70 35.58
C PRO A 19 -0.89 -11.10 36.76
N GLN A 20 -1.63 -10.14 37.29
CA GLN A 20 -2.54 -10.39 38.40
C GLN A 20 -3.94 -10.16 37.83
N ARG A 21 -4.94 -10.86 38.35
CA ARG A 21 -6.30 -10.67 37.83
C ARG A 21 -6.76 -9.22 38.02
N ASP A 22 -6.36 -8.60 39.14
CA ASP A 22 -6.77 -7.22 39.38
C ASP A 22 -6.08 -6.21 38.46
N TRP A 23 -5.32 -6.71 37.48
CA TRP A 23 -4.66 -5.83 36.52
C TRP A 23 -5.73 -5.46 35.49
N PHE A 24 -6.70 -6.35 35.33
CA PHE A 24 -7.78 -6.18 34.37
C PHE A 24 -9.09 -5.81 35.02
N PRO A 25 -9.98 -5.15 34.27
CA PRO A 25 -11.28 -4.74 34.79
C PRO A 25 -11.99 -5.97 35.33
N SER A 26 -12.95 -5.76 36.22
CA SER A 26 -13.69 -6.88 36.79
C SER A 26 -14.50 -7.59 35.71
N ASP A 27 -14.96 -6.85 34.71
CA ASP A 27 -15.77 -7.45 33.65
C ASP A 27 -14.96 -8.08 32.53
N PHE A 28 -13.64 -8.08 32.66
CA PHE A 28 -12.77 -8.67 31.66
C PHE A 28 -13.00 -10.18 31.76
N THR A 29 -12.90 -10.90 30.65
CA THR A 29 -13.15 -12.33 30.73
C THR A 29 -11.99 -13.22 30.35
N PHE A 30 -11.76 -14.23 31.18
CA PHE A 30 -10.73 -15.22 30.97
C PHE A 30 -11.40 -16.57 30.79
N GLY A 31 -10.95 -17.32 29.80
CA GLY A 31 -11.53 -18.63 29.57
C GLY A 31 -10.58 -19.54 28.83
N ALA A 32 -11.09 -20.67 28.37
CA ALA A 32 -10.30 -21.62 27.60
C ALA A 32 -11.14 -21.99 26.41
N ALA A 33 -10.52 -22.49 25.34
CA ALA A 33 -11.26 -22.83 24.14
C ALA A 33 -10.90 -24.20 23.60
N THR A 34 -11.78 -24.70 22.73
CA THR A 34 -11.63 -26.00 22.07
C THR A 34 -12.47 -25.95 20.79
N SER A 35 -12.39 -27.03 20.00
CA SER A 35 -13.19 -27.14 18.78
C SER A 35 -13.77 -28.56 18.78
N ALA A 36 -14.96 -28.71 18.21
CA ALA A 36 -15.66 -29.98 18.17
C ALA A 36 -14.88 -31.18 17.65
N TYR A 37 -14.39 -31.13 16.42
CA TYR A 37 -13.66 -32.27 15.90
C TYR A 37 -12.40 -32.61 16.68
N GLN A 38 -11.78 -31.62 17.30
CA GLN A 38 -10.57 -31.88 18.05
C GLN A 38 -10.74 -32.60 19.39
N ILE A 39 -11.88 -32.41 20.06
CA ILE A 39 -12.06 -33.01 21.37
C ILE A 39 -13.22 -33.98 21.59
N GLU A 40 -14.30 -33.81 20.83
CA GLU A 40 -15.49 -34.63 21.02
C GLU A 40 -15.39 -36.13 20.90
N GLY A 41 -14.92 -36.61 19.75
CA GLY A 41 -14.87 -38.04 19.54
C GLY A 41 -16.27 -38.47 19.14
N ALA A 42 -16.66 -39.70 19.49
CA ALA A 42 -17.98 -40.22 19.15
C ALA A 42 -18.32 -39.74 17.73
N TRP A 43 -17.36 -39.90 16.84
CA TRP A 43 -17.49 -39.43 15.46
C TRP A 43 -18.69 -39.98 14.69
N ASN A 44 -19.16 -41.16 15.05
CA ASN A 44 -20.30 -41.75 14.36
C ASN A 44 -21.35 -42.29 15.34
N GLU A 45 -21.45 -41.66 16.50
CA GLU A 45 -22.41 -42.08 17.51
C GLU A 45 -23.62 -41.18 17.53
N ASP A 46 -24.73 -41.74 17.99
CA ASP A 46 -25.97 -41.00 18.12
C ASP A 46 -26.38 -40.19 16.90
N GLY A 47 -26.36 -40.83 15.75
CA GLY A 47 -26.78 -40.18 14.52
C GLY A 47 -25.86 -39.14 13.89
N LYS A 48 -24.69 -38.90 14.47
CA LYS A 48 -23.80 -37.90 13.90
C LYS A 48 -23.39 -38.26 12.47
N GLY A 49 -23.52 -37.29 11.56
CA GLY A 49 -23.13 -37.52 10.18
C GLY A 49 -21.63 -37.40 9.99
N GLU A 50 -21.13 -37.91 8.87
CA GLU A 50 -19.71 -37.85 8.57
C GLU A 50 -19.31 -36.43 8.17
N SER A 51 -18.14 -35.99 8.64
CA SER A 51 -17.66 -34.66 8.29
C SER A 51 -16.50 -34.80 7.32
N ASN A 52 -16.08 -33.67 6.75
CA ASN A 52 -14.97 -33.66 5.83
C ASN A 52 -13.71 -34.22 6.52
N TRP A 53 -13.56 -33.93 7.81
CA TRP A 53 -12.39 -34.42 8.55
C TRP A 53 -12.44 -35.90 8.86
N ASP A 54 -13.63 -36.43 9.13
CA ASP A 54 -13.75 -37.86 9.37
C ASP A 54 -13.27 -38.51 8.09
N HIS A 55 -13.81 -38.03 6.98
CA HIS A 55 -13.50 -38.53 5.65
C HIS A 55 -12.02 -38.47 5.31
N PHE A 56 -11.44 -37.29 5.51
CA PHE A 56 -10.03 -37.04 5.24
C PHE A 56 -9.12 -37.94 6.08
N CYS A 57 -9.35 -37.99 7.39
CA CYS A 57 -8.54 -38.82 8.27
C CYS A 57 -8.73 -40.31 7.99
N HIS A 58 -9.96 -40.71 7.69
CA HIS A 58 -10.23 -42.12 7.42
C HIS A 58 -9.71 -42.57 6.07
N ASN A 59 -9.74 -41.69 5.08
CA ASN A 59 -9.27 -42.06 3.75
C ASN A 59 -7.85 -41.69 3.45
N HIS A 60 -7.31 -40.70 4.16
CA HIS A 60 -5.93 -40.30 3.94
C HIS A 60 -5.14 -40.19 5.23
N PRO A 61 -5.00 -41.30 5.94
CA PRO A 61 -4.25 -41.30 7.21
C PRO A 61 -2.81 -40.82 6.96
N GLU A 62 -2.33 -41.03 5.74
CA GLU A 62 -0.97 -40.65 5.40
C GLU A 62 -0.76 -39.14 5.41
N ARG A 63 -1.85 -38.39 5.40
CA ARG A 63 -1.76 -36.94 5.42
C ARG A 63 -1.76 -36.38 6.85
N ILE A 64 -1.83 -37.27 7.83
CA ILE A 64 -1.78 -36.89 9.23
C ILE A 64 -0.38 -37.32 9.68
N LEU A 65 0.35 -36.40 10.29
CA LEU A 65 1.72 -36.67 10.72
C LEU A 65 1.90 -38.03 11.39
N ASP A 66 1.06 -38.36 12.38
CA ASP A 66 1.19 -39.64 13.05
C ASP A 66 0.11 -40.64 12.60
N GLY A 67 -0.56 -40.34 11.50
CA GLY A 67 -1.57 -41.22 10.96
C GLY A 67 -2.80 -41.47 11.80
N SER A 68 -3.05 -40.59 12.77
CA SER A 68 -4.20 -40.74 13.64
C SER A 68 -5.44 -40.05 13.11
N ASN A 69 -6.51 -40.10 13.89
CA ASN A 69 -7.75 -39.45 13.52
C ASN A 69 -8.38 -39.00 14.84
N SER A 70 -9.53 -38.33 14.76
CA SER A 70 -10.14 -37.88 15.99
C SER A 70 -11.46 -38.60 16.25
N ASP A 71 -11.47 -39.91 16.01
CA ASP A 71 -12.67 -40.72 16.23
C ASP A 71 -13.02 -40.62 17.71
N ILE A 72 -12.01 -40.36 18.53
CA ILE A 72 -12.21 -40.24 19.96
C ILE A 72 -11.79 -38.86 20.45
N GLY A 73 -10.70 -38.33 19.90
CA GLY A 73 -10.23 -37.00 20.29
C GLY A 73 -9.89 -36.96 21.76
N ALA A 74 -10.66 -36.20 22.53
CA ALA A 74 -10.48 -36.12 23.97
C ALA A 74 -11.73 -36.73 24.59
N ASN A 75 -12.52 -37.41 23.76
CA ASN A 75 -13.75 -38.07 24.20
C ASN A 75 -14.64 -37.11 24.97
N SER A 76 -14.70 -35.85 24.54
CA SER A 76 -15.51 -34.85 25.23
C SER A 76 -17.00 -35.02 25.05
N TYR A 77 -17.41 -35.80 24.05
CA TYR A 77 -18.83 -36.01 23.84
C TYR A 77 -19.37 -36.73 25.06
N HIS A 78 -18.58 -37.64 25.62
CA HIS A 78 -18.98 -38.41 26.79
C HIS A 78 -18.47 -37.83 28.10
N MET A 79 -17.42 -37.02 28.01
CA MET A 79 -16.82 -36.46 29.22
C MET A 79 -16.94 -34.96 29.39
N TYR A 80 -17.88 -34.34 28.71
CA TYR A 80 -18.04 -32.89 28.81
C TYR A 80 -18.22 -32.42 30.26
N LYS A 81 -18.86 -33.22 31.09
CA LYS A 81 -19.07 -32.83 32.48
C LYS A 81 -17.75 -32.54 33.18
N THR A 82 -16.75 -33.38 32.93
CA THR A 82 -15.46 -33.16 33.55
C THR A 82 -14.79 -31.94 32.93
N ASP A 83 -15.05 -31.69 31.66
CA ASP A 83 -14.47 -30.51 31.02
C ASP A 83 -14.99 -29.29 31.77
N VAL A 84 -16.30 -29.26 32.01
CA VAL A 84 -16.92 -28.14 32.72
C VAL A 84 -16.39 -28.02 34.15
N ARG A 85 -16.09 -29.15 34.78
CA ARG A 85 -15.56 -29.15 36.14
C ARG A 85 -14.21 -28.47 36.17
N LEU A 86 -13.35 -28.81 35.22
CA LEU A 86 -12.03 -28.21 35.15
C LEU A 86 -12.15 -26.70 34.96
N LEU A 87 -13.02 -26.30 34.05
CA LEU A 87 -13.24 -24.89 33.79
C LEU A 87 -13.65 -24.19 35.09
N LYS A 88 -14.61 -24.79 35.79
CA LYS A 88 -15.09 -24.24 37.05
C LYS A 88 -13.97 -24.16 38.08
N GLU A 89 -13.24 -25.26 38.24
CA GLU A 89 -12.13 -25.31 39.19
C GLU A 89 -11.10 -24.22 38.90
N MET A 90 -10.84 -23.96 37.62
CA MET A 90 -9.87 -22.92 37.26
C MET A 90 -10.49 -21.54 37.44
N GLY A 91 -11.77 -21.50 37.72
CA GLY A 91 -12.44 -20.22 37.89
C GLY A 91 -12.54 -19.44 36.59
N MET A 92 -12.63 -20.16 35.47
CA MET A 92 -12.74 -19.50 34.18
C MET A 92 -14.08 -18.78 34.06
N ASP A 93 -14.07 -17.62 33.40
CA ASP A 93 -15.30 -16.84 33.21
C ASP A 93 -16.10 -17.34 32.02
N ALA A 94 -15.41 -17.86 31.01
CA ALA A 94 -16.09 -18.32 29.81
C ALA A 94 -15.43 -19.54 29.20
N TYR A 95 -16.16 -20.20 28.31
CA TYR A 95 -15.64 -21.37 27.63
C TYR A 95 -16.03 -21.28 26.17
N ARG A 96 -15.03 -21.26 25.29
CA ARG A 96 -15.32 -21.20 23.87
C ARG A 96 -15.13 -22.60 23.29
N PHE A 97 -16.20 -23.13 22.71
CA PHE A 97 -16.17 -24.46 22.10
C PHE A 97 -16.93 -24.29 20.80
N SER A 98 -16.84 -25.27 19.90
CA SER A 98 -17.56 -25.16 18.65
C SER A 98 -18.60 -26.27 18.52
N ILE A 99 -19.58 -26.05 17.64
CA ILE A 99 -20.64 -27.02 17.40
C ILE A 99 -20.39 -27.80 16.12
N SER A 100 -20.51 -29.12 16.21
CA SER A 100 -20.29 -29.98 15.06
C SER A 100 -21.50 -29.94 14.13
N TRP A 101 -21.31 -29.31 12.97
CA TRP A 101 -22.37 -29.18 11.97
C TRP A 101 -23.00 -30.54 11.68
N PRO A 102 -22.19 -31.54 11.27
CA PRO A 102 -22.74 -32.86 10.97
C PRO A 102 -23.38 -33.58 12.15
N ARG A 103 -23.03 -33.19 13.38
CA ARG A 103 -23.64 -33.84 14.54
C ARG A 103 -25.07 -33.32 14.71
N ILE A 104 -25.28 -32.07 14.30
CA ILE A 104 -26.58 -31.43 14.39
C ILE A 104 -27.43 -31.74 13.16
N LEU A 105 -26.83 -31.61 11.97
CA LEU A 105 -27.51 -31.88 10.72
C LEU A 105 -26.70 -32.93 9.99
N PRO A 106 -26.93 -34.22 10.30
CA PRO A 106 -26.21 -35.35 9.68
C PRO A 106 -26.01 -35.24 8.17
N LYS A 107 -27.03 -34.76 7.46
CA LYS A 107 -26.95 -34.62 6.02
C LYS A 107 -26.51 -33.20 5.67
N GLY A 108 -26.31 -32.37 6.69
CA GLY A 108 -25.89 -31.00 6.49
C GLY A 108 -26.98 -30.07 5.99
N THR A 109 -28.15 -30.62 5.69
CA THR A 109 -29.26 -29.83 5.17
C THR A 109 -30.51 -29.87 6.03
N LYS A 110 -31.46 -29.02 5.70
CA LYS A 110 -32.73 -28.94 6.41
C LYS A 110 -33.54 -30.22 6.18
N GLU A 111 -33.64 -30.61 4.91
CA GLU A 111 -34.39 -31.80 4.54
C GLU A 111 -33.74 -33.05 5.11
N GLY A 112 -32.47 -32.93 5.47
CA GLY A 112 -31.76 -34.05 6.05
C GLY A 112 -32.23 -34.28 7.47
N GLY A 113 -32.74 -33.22 8.10
CA GLY A 113 -33.24 -33.33 9.46
C GLY A 113 -32.27 -33.01 10.58
N ILE A 114 -32.81 -32.60 11.71
CA ILE A 114 -32.00 -32.26 12.89
C ILE A 114 -31.81 -33.50 13.77
N ASN A 115 -30.57 -33.73 14.18
CA ASN A 115 -30.26 -34.88 15.04
C ASN A 115 -30.50 -34.53 16.50
N PRO A 116 -31.54 -35.12 17.11
CA PRO A 116 -31.94 -34.90 18.51
C PRO A 116 -30.81 -35.03 19.51
N ASP A 117 -30.02 -36.09 19.34
CA ASP A 117 -28.89 -36.34 20.23
C ASP A 117 -27.88 -35.20 20.14
N GLY A 118 -27.63 -34.71 18.92
CA GLY A 118 -26.69 -33.61 18.75
C GLY A 118 -27.20 -32.40 19.52
N ILE A 119 -28.45 -32.05 19.31
CA ILE A 119 -29.07 -30.92 19.99
C ILE A 119 -28.94 -31.13 21.50
N LYS A 120 -29.31 -32.31 21.97
CA LYS A 120 -29.25 -32.63 23.39
C LYS A 120 -27.86 -32.38 23.97
N TYR A 121 -26.85 -32.89 23.28
CA TYR A 121 -25.48 -32.73 23.74
C TYR A 121 -25.09 -31.28 24.01
N TYR A 122 -25.19 -30.43 23.00
CA TYR A 122 -24.82 -29.02 23.16
C TYR A 122 -25.72 -28.31 24.17
N ARG A 123 -26.98 -28.74 24.26
CA ARG A 123 -27.91 -28.14 25.20
C ARG A 123 -27.43 -28.45 26.62
N ASN A 124 -27.10 -29.71 26.88
CA ASN A 124 -26.64 -30.09 28.21
C ASN A 124 -25.32 -29.43 28.56
N LEU A 125 -24.41 -29.37 27.59
CA LEU A 125 -23.12 -28.74 27.83
C LEU A 125 -23.34 -27.26 28.19
N ILE A 126 -24.14 -26.57 27.38
CA ILE A 126 -24.41 -25.16 27.62
C ILE A 126 -25.07 -24.93 28.97
N ASN A 127 -26.05 -25.75 29.31
CA ASN A 127 -26.74 -25.58 30.59
C ASN A 127 -25.81 -25.85 31.75
N LEU A 128 -24.98 -26.89 31.65
CA LEU A 128 -24.05 -27.19 32.73
C LEU A 128 -23.06 -26.04 32.91
N LEU A 129 -22.64 -25.46 31.79
CA LEU A 129 -21.70 -24.35 31.85
C LEU A 129 -22.34 -23.19 32.61
N LEU A 130 -23.53 -22.78 32.16
CA LEU A 130 -24.25 -21.68 32.79
C LEU A 130 -24.61 -21.93 34.26
N GLU A 131 -25.04 -23.13 34.60
CA GLU A 131 -25.39 -23.40 35.99
C GLU A 131 -24.12 -23.37 36.83
N ASN A 132 -22.98 -23.38 36.16
CA ASN A 132 -21.70 -23.32 36.84
C ASN A 132 -21.10 -21.92 36.76
N GLY A 133 -21.86 -20.98 36.21
CA GLY A 133 -21.38 -19.61 36.11
C GLY A 133 -20.31 -19.39 35.05
N ILE A 134 -20.26 -20.28 34.06
CA ILE A 134 -19.30 -20.18 32.96
C ILE A 134 -20.04 -19.69 31.72
N GLU A 135 -19.58 -18.60 31.12
CA GLU A 135 -20.24 -18.05 29.94
C GLU A 135 -19.80 -18.76 28.66
N PRO A 136 -20.75 -19.35 27.93
CA PRO A 136 -20.38 -20.04 26.70
C PRO A 136 -20.22 -19.14 25.48
N TYR A 137 -19.07 -19.23 24.83
CA TYR A 137 -18.83 -18.47 23.60
C TYR A 137 -18.86 -19.59 22.59
N VAL A 138 -19.93 -19.61 21.79
CA VAL A 138 -20.12 -20.68 20.83
C VAL A 138 -19.69 -20.38 19.41
N THR A 139 -18.79 -21.22 18.92
CA THR A 139 -18.31 -21.11 17.55
C THR A 139 -19.18 -22.06 16.74
N ILE A 140 -19.94 -21.49 15.82
CA ILE A 140 -20.83 -22.28 14.98
C ILE A 140 -20.07 -23.22 14.04
N PHE A 141 -19.01 -22.73 13.43
CA PHE A 141 -18.25 -23.56 12.52
C PHE A 141 -16.74 -23.53 12.71
N HIS A 142 -16.17 -24.71 12.91
CA HIS A 142 -14.74 -24.81 13.06
C HIS A 142 -14.16 -25.90 12.16
N TRP A 143 -14.34 -25.69 10.85
CA TRP A 143 -13.80 -26.55 9.81
C TRP A 143 -14.47 -27.90 9.53
N ASP A 144 -15.43 -28.29 10.36
CA ASP A 144 -16.08 -29.57 10.18
C ASP A 144 -17.35 -29.52 9.33
N VAL A 145 -17.16 -29.50 8.03
CA VAL A 145 -18.24 -29.46 7.05
C VAL A 145 -18.80 -30.86 6.86
N PRO A 146 -20.14 -31.00 6.83
CA PRO A 146 -20.74 -32.33 6.64
C PRO A 146 -20.27 -32.89 5.29
N GLN A 147 -19.73 -34.10 5.30
CA GLN A 147 -19.25 -34.72 4.08
C GLN A 147 -20.34 -34.77 3.01
N ALA A 148 -21.60 -34.82 3.44
CA ALA A 148 -22.72 -34.86 2.50
C ALA A 148 -22.72 -33.63 1.60
N LEU A 149 -22.36 -32.48 2.18
CA LEU A 149 -22.30 -31.24 1.43
C LEU A 149 -21.05 -31.22 0.55
N GLU A 150 -19.99 -31.85 1.04
CA GLU A 150 -18.74 -31.93 0.30
C GLU A 150 -18.96 -32.73 -0.97
N GLU A 151 -19.70 -33.82 -0.85
CA GLU A 151 -20.00 -34.67 -1.99
C GLU A 151 -21.07 -34.06 -2.90
N LYS A 152 -22.01 -33.32 -2.28
CA LYS A 152 -23.09 -32.71 -3.05
C LYS A 152 -22.60 -31.58 -3.96
N TYR A 153 -21.84 -30.64 -3.41
CA TYR A 153 -21.35 -29.52 -4.19
C TYR A 153 -19.97 -28.97 -3.79
N GLY A 154 -19.20 -29.78 -3.08
CA GLY A 154 -17.87 -29.37 -2.67
C GLY A 154 -17.82 -28.45 -1.46
N GLY A 155 -18.91 -28.39 -0.70
CA GLY A 155 -18.93 -27.54 0.47
C GLY A 155 -18.67 -26.08 0.15
N PHE A 156 -17.72 -25.47 0.85
CA PHE A 156 -17.41 -24.07 0.64
C PHE A 156 -16.77 -23.78 -0.72
N LEU A 157 -16.61 -24.82 -1.52
CA LEU A 157 -16.07 -24.65 -2.87
C LEU A 157 -17.25 -24.42 -3.80
N ASP A 158 -18.45 -24.44 -3.22
CA ASP A 158 -19.71 -24.23 -3.94
C ASP A 158 -19.53 -23.11 -4.96
N LYS A 159 -19.44 -23.50 -6.22
CA LYS A 159 -19.23 -22.55 -7.31
C LYS A 159 -20.37 -21.58 -7.56
N SER A 160 -21.57 -21.89 -7.07
CA SER A 160 -22.71 -21.02 -7.28
C SER A 160 -22.81 -19.98 -6.17
N HIS A 161 -21.97 -20.11 -5.14
CA HIS A 161 -22.00 -19.17 -4.03
C HIS A 161 -23.43 -19.06 -3.51
N LYS A 162 -24.14 -20.18 -3.46
CA LYS A 162 -25.52 -20.16 -3.01
C LYS A 162 -25.86 -21.29 -2.08
N SER A 163 -25.73 -22.52 -2.56
CA SER A 163 -26.06 -23.69 -1.74
C SER A 163 -25.36 -23.74 -0.39
N ILE A 164 -24.05 -23.53 -0.37
CA ILE A 164 -23.31 -23.58 0.90
C ILE A 164 -23.75 -22.43 1.81
N VAL A 165 -24.08 -21.30 1.20
CA VAL A 165 -24.52 -20.13 1.96
C VAL A 165 -25.85 -20.43 2.64
N GLU A 166 -26.77 -21.05 1.91
CA GLU A 166 -28.07 -21.37 2.47
C GLU A 166 -27.98 -22.48 3.50
N ASP A 167 -27.18 -23.50 3.22
CA ASP A 167 -27.03 -24.59 4.17
C ASP A 167 -26.35 -24.11 5.45
N TYR A 168 -25.33 -23.27 5.33
CA TYR A 168 -24.68 -22.76 6.54
C TYR A 168 -25.68 -21.93 7.32
N THR A 169 -26.38 -21.05 6.61
CA THR A 169 -27.36 -20.18 7.21
C THR A 169 -28.41 -20.98 7.96
N TYR A 170 -28.86 -22.09 7.37
CA TYR A 170 -29.85 -22.91 8.05
C TYR A 170 -29.22 -23.50 9.32
N PHE A 171 -27.99 -23.99 9.19
CA PHE A 171 -27.27 -24.56 10.34
C PHE A 171 -27.26 -23.52 11.45
N ALA A 172 -26.82 -22.31 11.12
CA ALA A 172 -26.78 -21.22 12.08
C ALA A 172 -28.17 -21.06 12.72
N LYS A 173 -29.21 -21.08 11.89
CA LYS A 173 -30.57 -20.92 12.38
C LYS A 173 -30.89 -21.97 13.43
N VAL A 174 -30.58 -23.23 13.12
CA VAL A 174 -30.83 -24.32 14.06
C VAL A 174 -30.17 -24.02 15.40
N CYS A 175 -28.93 -23.56 15.34
CA CYS A 175 -28.19 -23.22 16.56
C CYS A 175 -28.89 -22.11 17.32
N PHE A 176 -29.28 -21.05 16.61
CA PHE A 176 -29.96 -19.93 17.26
C PHE A 176 -31.28 -20.40 17.87
N ASP A 177 -32.00 -21.24 17.12
CA ASP A 177 -33.28 -21.75 17.57
C ASP A 177 -33.20 -22.61 18.82
N ASN A 178 -32.20 -23.49 18.88
CA ASN A 178 -32.07 -24.37 20.03
C ASN A 178 -31.23 -23.87 21.19
N PHE A 179 -30.29 -22.96 20.94
CA PHE A 179 -29.44 -22.47 22.02
C PHE A 179 -29.42 -20.96 22.21
N GLY A 180 -30.07 -20.25 21.29
CA GLY A 180 -30.11 -18.80 21.35
C GLY A 180 -30.59 -18.21 22.65
N ASP A 181 -31.49 -18.89 23.33
CA ASP A 181 -32.01 -18.41 24.60
C ASP A 181 -30.97 -18.46 25.71
N LYS A 182 -30.00 -19.37 25.55
CA LYS A 182 -28.95 -19.54 26.55
C LYS A 182 -27.61 -18.93 26.15
N VAL A 183 -27.33 -18.92 24.86
CA VAL A 183 -26.08 -18.38 24.35
C VAL A 183 -26.17 -16.90 24.03
N LYS A 184 -25.26 -16.12 24.57
CA LYS A 184 -25.25 -14.67 24.37
C LYS A 184 -24.04 -14.24 23.56
N ASN A 185 -23.19 -15.19 23.19
CA ASN A 185 -21.99 -14.88 22.44
C ASN A 185 -21.77 -15.90 21.35
N TRP A 186 -21.95 -15.47 20.11
CA TRP A 186 -21.79 -16.33 18.95
C TRP A 186 -20.63 -15.93 18.05
N LEU A 187 -19.98 -16.94 17.49
CA LEU A 187 -18.89 -16.74 16.56
C LEU A 187 -19.23 -17.64 15.38
N THR A 188 -19.56 -17.01 14.25
CA THR A 188 -19.94 -17.75 13.05
C THR A 188 -18.82 -18.67 12.55
N PHE A 189 -17.64 -18.10 12.39
CA PHE A 189 -16.49 -18.84 11.91
C PHE A 189 -15.26 -18.63 12.77
N ASN A 190 -14.32 -19.57 12.66
CA ASN A 190 -13.07 -19.50 13.38
C ASN A 190 -11.97 -19.85 12.40
N ASP A 191 -10.97 -18.98 12.32
CA ASP A 191 -9.82 -19.18 11.45
C ASP A 191 -10.20 -19.43 10.00
N PRO A 192 -10.98 -18.53 9.38
CA PRO A 192 -11.34 -18.74 7.99
C PRO A 192 -10.12 -18.75 7.07
N GLN A 193 -9.11 -17.94 7.39
CA GLN A 193 -7.93 -17.89 6.56
C GLN A 193 -7.18 -19.22 6.57
N THR A 194 -6.95 -19.79 7.76
CA THR A 194 -6.25 -21.05 7.83
C THR A 194 -7.06 -22.13 7.11
N PHE A 195 -8.37 -22.14 7.34
CA PHE A 195 -9.24 -23.12 6.71
C PHE A 195 -9.15 -23.09 5.18
N THR A 196 -9.38 -21.92 4.59
CA THR A 196 -9.34 -21.81 3.12
C THR A 196 -7.95 -22.09 2.57
N SER A 197 -6.94 -21.45 3.13
CA SER A 197 -5.58 -21.64 2.67
C SER A 197 -5.04 -23.07 2.80
N PHE A 198 -5.30 -23.69 3.94
CA PHE A 198 -4.79 -25.03 4.19
C PHE A 198 -5.63 -26.13 3.55
N SER A 199 -6.92 -25.89 3.42
CA SER A 199 -7.79 -26.90 2.82
C SER A 199 -7.74 -26.90 1.30
N TYR A 200 -7.52 -25.73 0.72
CA TYR A 200 -7.51 -25.60 -0.73
C TYR A 200 -6.26 -24.97 -1.33
N GLY A 201 -5.38 -24.47 -0.48
CA GLY A 201 -4.15 -23.87 -0.97
C GLY A 201 -3.05 -24.92 -0.90
N THR A 202 -2.63 -25.27 0.31
CA THR A 202 -1.59 -26.26 0.51
C THR A 202 -2.18 -27.67 0.57
N GLY A 203 -3.47 -27.76 0.84
CA GLY A 203 -4.13 -29.06 0.92
C GLY A 203 -3.76 -29.94 2.09
N VAL A 204 -3.20 -29.35 3.15
CA VAL A 204 -2.83 -30.13 4.33
C VAL A 204 -4.04 -30.36 5.23
N PHE A 205 -5.13 -29.67 4.91
CA PHE A 205 -6.38 -29.78 5.67
C PHE A 205 -7.39 -30.47 4.77
N ALA A 206 -8.41 -31.06 5.38
CA ALA A 206 -9.45 -31.74 4.62
C ALA A 206 -10.07 -30.70 3.69
N PRO A 207 -10.43 -31.08 2.45
CA PRO A 207 -10.32 -32.43 1.85
C PRO A 207 -8.94 -32.73 1.26
N GLY A 208 -8.02 -31.78 1.38
CA GLY A 208 -6.68 -31.98 0.86
C GLY A 208 -6.52 -31.67 -0.61
N ARG A 209 -6.98 -30.48 -1.02
CA ARG A 209 -6.88 -30.08 -2.42
C ARG A 209 -5.82 -29.00 -2.63
N CYS A 210 -5.20 -29.02 -3.81
CA CYS A 210 -4.16 -28.07 -4.14
C CYS A 210 -3.95 -28.14 -5.65
N SER A 211 -3.21 -27.17 -6.19
CA SER A 211 -2.92 -27.13 -7.62
C SER A 211 -2.13 -28.35 -8.07
N PRO A 212 -2.32 -28.77 -9.33
CA PRO A 212 -1.59 -29.93 -9.83
C PRO A 212 -0.10 -29.62 -9.65
N GLY A 213 0.70 -30.65 -9.38
CA GLY A 213 2.11 -30.43 -9.18
C GLY A 213 2.43 -30.23 -7.72
N LEU A 214 1.42 -29.91 -6.91
CA LEU A 214 1.66 -29.72 -5.49
C LEU A 214 1.42 -31.02 -4.74
N ASP A 215 2.03 -31.12 -3.56
CA ASP A 215 1.91 -32.34 -2.77
C ASP A 215 0.75 -32.33 -1.78
N CYS A 216 -0.36 -32.94 -2.19
CA CYS A 216 -1.54 -33.05 -1.35
C CYS A 216 -2.37 -34.20 -1.91
N ALA A 217 -3.28 -34.73 -1.10
CA ALA A 217 -4.12 -35.86 -1.51
C ALA A 217 -4.81 -35.66 -2.86
N TYR A 218 -5.30 -34.45 -3.13
CA TYR A 218 -5.96 -34.20 -4.41
C TYR A 218 -5.40 -32.99 -5.14
N PRO A 219 -4.29 -33.18 -5.87
CA PRO A 219 -3.63 -32.11 -6.62
C PRO A 219 -4.34 -31.81 -7.94
N THR A 220 -5.67 -31.72 -7.87
CA THR A 220 -6.46 -31.44 -9.05
C THR A 220 -7.28 -30.17 -8.86
N GLY A 221 -6.97 -29.42 -7.81
CA GLY A 221 -7.68 -28.18 -7.55
C GLY A 221 -6.96 -26.99 -8.13
N ASN A 222 -6.96 -25.88 -7.40
CA ASN A 222 -6.29 -24.66 -7.86
C ASN A 222 -5.97 -23.81 -6.63
N SER A 223 -4.74 -23.89 -6.17
CA SER A 223 -4.29 -23.18 -4.99
C SER A 223 -4.35 -21.66 -5.12
N LEU A 224 -4.60 -21.19 -6.33
CA LEU A 224 -4.67 -19.76 -6.60
C LEU A 224 -6.11 -19.26 -6.69
N VAL A 225 -7.05 -20.20 -6.77
CA VAL A 225 -8.45 -19.82 -6.90
C VAL A 225 -9.39 -20.40 -5.84
N GLU A 226 -9.26 -21.70 -5.56
CA GLU A 226 -10.16 -22.33 -4.59
C GLU A 226 -10.14 -21.73 -3.20
N PRO A 227 -8.96 -21.35 -2.69
CA PRO A 227 -8.97 -20.77 -1.35
C PRO A 227 -9.83 -19.49 -1.35
N TYR A 228 -9.81 -18.75 -2.46
CA TYR A 228 -10.59 -17.51 -2.54
C TYR A 228 -12.08 -17.78 -2.68
N THR A 229 -12.41 -18.82 -3.44
CA THR A 229 -13.79 -19.20 -3.64
C THR A 229 -14.39 -19.57 -2.29
N ALA A 230 -13.67 -20.40 -1.56
CA ALA A 230 -14.10 -20.85 -0.25
C ALA A 230 -14.23 -19.66 0.69
N GLY A 231 -13.25 -18.77 0.63
CA GLY A 231 -13.28 -17.61 1.50
C GLY A 231 -14.47 -16.73 1.18
N HIS A 232 -14.77 -16.59 -0.10
CA HIS A 232 -15.89 -15.77 -0.53
C HIS A 232 -17.18 -16.36 0.03
N ASN A 233 -17.34 -17.67 -0.09
CA ASN A 233 -18.54 -18.34 0.42
C ASN A 233 -18.64 -18.22 1.94
N ILE A 234 -17.50 -18.23 2.62
CA ILE A 234 -17.50 -18.10 4.06
C ILE A 234 -18.03 -16.71 4.43
N LEU A 235 -17.52 -15.69 3.75
CA LEU A 235 -17.97 -14.33 4.04
C LEU A 235 -19.46 -14.16 3.76
N LEU A 236 -19.94 -14.71 2.65
CA LEU A 236 -21.35 -14.61 2.33
C LEU A 236 -22.16 -15.36 3.39
N ALA A 237 -21.67 -16.53 3.78
CA ALA A 237 -22.33 -17.34 4.79
C ALA A 237 -22.41 -16.53 6.09
N HIS A 238 -21.28 -15.93 6.46
CA HIS A 238 -21.23 -15.14 7.67
C HIS A 238 -22.23 -13.99 7.60
N ALA A 239 -22.21 -13.27 6.48
CA ALA A 239 -23.11 -12.13 6.33
C ALA A 239 -24.57 -12.55 6.43
N GLU A 240 -24.90 -13.68 5.82
CA GLU A 240 -26.27 -14.17 5.83
C GLU A 240 -26.71 -14.62 7.22
N ALA A 241 -25.80 -15.28 7.95
CA ALA A 241 -26.12 -15.74 9.29
C ALA A 241 -26.26 -14.57 10.26
N VAL A 242 -25.39 -13.58 10.13
CA VAL A 242 -25.45 -12.41 11.01
C VAL A 242 -26.72 -11.63 10.72
N ASP A 243 -27.11 -11.57 9.46
CA ASP A 243 -28.30 -10.84 9.06
C ASP A 243 -29.51 -11.53 9.70
N LEU A 244 -29.51 -12.86 9.69
CA LEU A 244 -30.58 -13.65 10.29
C LEU A 244 -30.58 -13.45 11.80
N TYR A 245 -29.39 -13.40 12.39
CA TYR A 245 -29.28 -13.22 13.82
C TYR A 245 -29.81 -11.87 14.29
N ASN A 246 -29.36 -10.80 13.64
CA ASN A 246 -29.77 -9.45 14.00
C ASN A 246 -31.28 -9.27 13.85
N LYS A 247 -31.83 -9.86 12.79
CA LYS A 247 -33.24 -9.75 12.51
C LYS A 247 -34.18 -10.57 13.40
N HIS A 248 -33.73 -11.74 13.85
CA HIS A 248 -34.62 -12.59 14.64
C HIS A 248 -34.13 -13.13 15.98
N TYR A 249 -32.86 -12.99 16.28
CA TYR A 249 -32.36 -13.57 17.53
C TYR A 249 -31.58 -12.67 18.45
N LYS A 250 -30.99 -11.62 17.91
CA LYS A 250 -30.21 -10.73 18.75
C LYS A 250 -31.00 -10.04 19.85
N ARG A 251 -30.39 -9.96 21.03
CA ARG A 251 -30.98 -9.28 22.17
C ARG A 251 -29.95 -8.24 22.56
N ASP A 252 -30.36 -7.25 23.35
CA ASP A 252 -29.43 -6.21 23.72
C ASP A 252 -28.14 -6.73 24.35
N ASP A 253 -28.24 -7.80 25.12
CA ASP A 253 -27.07 -8.37 25.79
C ASP A 253 -26.40 -9.50 25.02
N THR A 254 -26.75 -9.69 23.76
CA THR A 254 -26.12 -10.76 22.99
C THR A 254 -25.23 -10.20 21.88
N ARG A 255 -24.20 -10.95 21.53
CA ARG A 255 -23.27 -10.52 20.49
C ARG A 255 -22.88 -11.63 19.53
N ILE A 256 -22.54 -11.23 18.31
CA ILE A 256 -22.14 -12.18 17.29
C ILE A 256 -20.97 -11.61 16.52
N GLY A 257 -20.11 -12.49 16.01
CA GLY A 257 -18.97 -12.04 15.24
C GLY A 257 -18.25 -13.27 14.71
N LEU A 258 -16.96 -13.15 14.50
CA LEU A 258 -16.16 -14.27 14.04
C LEU A 258 -14.74 -14.05 14.52
N ALA A 259 -13.94 -15.12 14.52
CA ALA A 259 -12.58 -15.02 14.98
C ALA A 259 -11.61 -15.28 13.85
N PHE A 260 -10.57 -14.46 13.77
CA PHE A 260 -9.58 -14.60 12.72
C PHE A 260 -8.25 -15.13 13.24
N ASP A 261 -7.64 -16.02 12.47
CA ASP A 261 -6.34 -16.53 12.82
C ASP A 261 -5.41 -15.44 12.29
N VAL A 262 -4.41 -15.06 13.07
CA VAL A 262 -3.52 -14.02 12.60
C VAL A 262 -2.13 -14.06 13.21
N MET A 263 -1.14 -13.87 12.36
CA MET A 263 0.25 -13.83 12.78
C MET A 263 0.68 -12.38 12.66
N GLY A 264 1.35 -11.86 13.68
CA GLY A 264 1.81 -10.49 13.61
C GLY A 264 2.79 -10.38 12.46
N ARG A 265 2.89 -9.19 11.87
CA ARG A 265 3.79 -8.96 10.77
C ARG A 265 4.70 -7.81 11.13
N VAL A 266 6.00 -8.00 10.93
CA VAL A 266 6.99 -6.97 11.23
C VAL A 266 7.87 -6.83 10.00
N PRO A 267 8.18 -5.58 9.59
CA PRO A 267 9.04 -5.41 8.41
C PRO A 267 10.34 -6.16 8.60
N TYR A 268 10.75 -6.90 7.58
CA TYR A 268 11.98 -7.67 7.64
C TYR A 268 13.18 -6.75 7.87
N GLY A 269 13.30 -5.71 7.06
CA GLY A 269 14.40 -4.78 7.19
C GLY A 269 13.90 -3.36 7.34
N THR A 270 14.79 -2.40 7.16
CA THR A 270 14.47 -0.99 7.30
C THR A 270 13.95 -0.36 6.00
N SER A 271 14.08 -1.07 4.89
CA SER A 271 13.62 -0.55 3.60
C SER A 271 12.12 -0.30 3.61
N PHE A 272 11.68 0.78 2.96
CA PHE A 272 10.25 1.07 2.93
C PHE A 272 9.52 -0.04 2.18
N LEU A 273 10.27 -0.77 1.36
CA LEU A 273 9.69 -1.87 0.59
C LEU A 273 9.15 -2.94 1.54
N ASP A 274 9.88 -3.19 2.63
CA ASP A 274 9.43 -4.20 3.59
C ASP A 274 8.22 -3.74 4.39
N LYS A 275 8.08 -2.44 4.56
CA LYS A 275 6.93 -1.91 5.28
C LYS A 275 5.73 -2.18 4.40
N GLN A 276 5.90 -1.96 3.10
CA GLN A 276 4.84 -2.22 2.13
C GLN A 276 4.53 -3.71 2.16
N ALA A 277 5.57 -4.54 2.23
CA ALA A 277 5.39 -5.98 2.28
C ALA A 277 4.62 -6.34 3.55
N GLU A 278 5.00 -5.72 4.66
CA GLU A 278 4.32 -5.97 5.93
C GLU A 278 2.84 -5.63 5.79
N GLU A 279 2.54 -4.48 5.21
CA GLU A 279 1.15 -4.07 5.01
C GLU A 279 0.39 -5.08 4.17
N ARG A 280 1.02 -5.57 3.10
CA ARG A 280 0.36 -6.54 2.23
C ARG A 280 0.12 -7.85 2.98
N SER A 281 1.03 -8.19 3.87
CA SER A 281 0.90 -9.41 4.65
C SER A 281 -0.24 -9.33 5.66
N TRP A 282 -0.36 -8.19 6.36
CA TRP A 282 -1.47 -8.03 7.31
C TRP A 282 -2.77 -8.17 6.50
N ASP A 283 -2.78 -7.56 5.31
CA ASP A 283 -3.94 -7.59 4.44
C ASP A 283 -4.38 -8.98 4.02
N ILE A 284 -3.44 -9.79 3.54
CA ILE A 284 -3.79 -11.12 3.07
C ILE A 284 -4.11 -12.09 4.19
N ASN A 285 -3.52 -11.87 5.37
CA ASN A 285 -3.74 -12.75 6.50
C ASN A 285 -4.98 -12.32 7.29
N LEU A 286 -4.97 -11.10 7.78
CA LEU A 286 -6.07 -10.56 8.57
C LEU A 286 -7.12 -9.82 7.73
N GLY A 287 -6.67 -8.89 6.89
CA GLY A 287 -7.60 -8.11 6.08
C GLY A 287 -8.54 -8.90 5.21
N TRP A 288 -8.04 -10.02 4.67
CA TRP A 288 -8.82 -10.89 3.79
C TRP A 288 -10.26 -11.06 4.28
N PHE A 289 -10.41 -11.41 5.54
CA PHE A 289 -11.74 -11.62 6.11
C PHE A 289 -12.18 -10.47 7.02
N LEU A 290 -11.22 -9.74 7.57
CA LEU A 290 -11.57 -8.62 8.45
C LEU A 290 -12.16 -7.44 7.69
N GLU A 291 -11.49 -7.01 6.62
CA GLU A 291 -11.97 -5.86 5.87
C GLU A 291 -13.40 -6.02 5.33
N PRO A 292 -13.74 -7.21 4.81
CA PRO A 292 -15.09 -7.41 4.29
C PRO A 292 -16.13 -7.17 5.38
N VAL A 293 -15.92 -7.72 6.57
CA VAL A 293 -16.91 -7.54 7.64
C VAL A 293 -16.86 -6.13 8.21
N VAL A 294 -15.75 -5.43 7.97
CA VAL A 294 -15.63 -4.07 8.46
C VAL A 294 -16.22 -3.09 7.45
N ARG A 295 -15.73 -3.11 6.21
CA ARG A 295 -16.21 -2.18 5.21
C ARG A 295 -17.06 -2.76 4.08
N GLY A 296 -17.16 -4.08 4.01
CA GLY A 296 -17.95 -4.68 2.96
C GLY A 296 -17.20 -5.14 1.73
N ASP A 297 -15.88 -5.02 1.73
CA ASP A 297 -15.11 -5.47 0.58
C ASP A 297 -13.70 -5.87 1.01
N TYR A 298 -13.03 -6.65 0.17
CA TYR A 298 -11.69 -7.10 0.45
C TYR A 298 -10.70 -5.94 0.44
N PRO A 299 -9.49 -6.18 0.96
CA PRO A 299 -8.45 -5.14 1.00
C PRO A 299 -8.13 -4.77 -0.44
N PHE A 300 -7.81 -3.50 -0.68
CA PHE A 300 -7.47 -3.05 -2.00
C PHE A 300 -6.30 -3.85 -2.54
N SER A 301 -5.28 -4.07 -1.70
CA SER A 301 -4.09 -4.79 -2.12
C SER A 301 -4.45 -6.15 -2.70
N MET A 302 -5.35 -6.86 -2.04
CA MET A 302 -5.77 -8.18 -2.50
C MET A 302 -6.47 -8.08 -3.85
N ARG A 303 -7.41 -7.15 -3.97
CA ARG A 303 -8.08 -7.00 -5.25
C ARG A 303 -7.09 -6.66 -6.35
N SER A 304 -6.08 -5.85 -6.02
CA SER A 304 -5.11 -5.46 -7.04
C SER A 304 -4.18 -6.59 -7.44
N LEU A 305 -3.91 -7.49 -6.51
CA LEU A 305 -3.00 -8.60 -6.75
C LEU A 305 -3.64 -9.93 -7.19
N ALA A 306 -4.72 -10.36 -6.54
CA ALA A 306 -5.40 -11.60 -6.91
C ALA A 306 -6.31 -11.35 -8.10
N ARG A 307 -6.73 -10.10 -8.25
CA ARG A 307 -7.61 -9.67 -9.34
C ARG A 307 -8.85 -10.54 -9.53
N GLU A 308 -8.99 -11.13 -10.72
CA GLU A 308 -10.15 -11.94 -11.05
C GLU A 308 -10.27 -13.23 -10.23
N ARG A 309 -9.17 -13.68 -9.64
CA ARG A 309 -9.20 -14.90 -8.85
C ARG A 309 -9.91 -14.65 -7.52
N LEU A 310 -10.18 -13.38 -7.24
CA LEU A 310 -10.86 -12.98 -6.02
C LEU A 310 -12.25 -12.49 -6.45
N PRO A 311 -13.30 -13.25 -6.13
CA PRO A 311 -14.67 -12.87 -6.49
C PRO A 311 -15.09 -11.49 -6.02
N PHE A 312 -16.02 -10.88 -6.77
CA PHE A 312 -16.55 -9.58 -6.42
C PHE A 312 -17.87 -9.75 -5.67
N PHE A 313 -18.14 -8.84 -4.74
CA PHE A 313 -19.37 -8.90 -3.96
C PHE A 313 -20.44 -8.07 -4.66
N LYS A 314 -21.69 -8.49 -4.51
CA LYS A 314 -22.80 -7.73 -5.09
C LYS A 314 -23.00 -6.60 -4.10
N ASP A 315 -23.57 -5.48 -4.55
CA ASP A 315 -23.78 -4.37 -3.65
C ASP A 315 -24.56 -4.74 -2.41
N GLU A 316 -25.59 -5.58 -2.57
CA GLU A 316 -26.41 -6.01 -1.44
C GLU A 316 -25.58 -6.86 -0.46
N GLN A 317 -24.56 -7.53 -0.97
CA GLN A 317 -23.72 -8.37 -0.14
C GLN A 317 -22.75 -7.49 0.64
N LYS A 318 -22.20 -6.47 -0.01
CA LYS A 318 -21.29 -5.55 0.67
C LYS A 318 -22.02 -4.92 1.84
N GLU A 319 -23.29 -4.58 1.64
CA GLU A 319 -24.10 -3.97 2.69
C GLU A 319 -24.30 -4.90 3.88
N LYS A 320 -24.55 -6.17 3.60
CA LYS A 320 -24.75 -7.14 4.68
C LYS A 320 -23.46 -7.42 5.42
N LEU A 321 -22.34 -7.37 4.70
CA LEU A 321 -21.02 -7.64 5.30
C LEU A 321 -20.52 -6.50 6.17
N ALA A 322 -20.64 -5.28 5.66
CA ALA A 322 -20.17 -4.12 6.40
C ALA A 322 -20.83 -4.00 7.78
N GLY A 323 -20.03 -4.17 8.83
CA GLY A 323 -20.53 -4.07 10.18
C GLY A 323 -21.22 -5.32 10.73
N SER A 324 -21.01 -6.46 10.08
CA SER A 324 -21.63 -7.72 10.51
C SER A 324 -20.94 -8.39 11.69
N TYR A 325 -20.88 -7.68 12.82
CA TYR A 325 -20.25 -8.20 14.03
C TYR A 325 -20.44 -7.21 15.17
N ASN A 326 -20.39 -7.70 16.41
CA ASN A 326 -20.52 -6.86 17.60
C ASN A 326 -19.21 -6.98 18.36
N MET A 327 -18.42 -7.97 17.96
CA MET A 327 -17.13 -8.26 18.56
C MET A 327 -16.36 -9.14 17.59
N LEU A 328 -15.03 -9.13 17.70
CA LEU A 328 -14.22 -9.97 16.84
C LEU A 328 -13.26 -10.78 17.67
N GLY A 329 -13.02 -12.01 17.24
CA GLY A 329 -12.09 -12.86 17.96
C GLY A 329 -10.80 -12.81 17.17
N LEU A 330 -9.69 -12.89 17.90
CA LEU A 330 -8.37 -12.88 17.30
C LEU A 330 -7.64 -14.09 17.85
N ASN A 331 -7.20 -14.98 16.95
CA ASN A 331 -6.46 -16.16 17.37
C ASN A 331 -5.01 -15.85 17.07
N TYR A 332 -4.27 -15.51 18.12
CA TYR A 332 -2.87 -15.15 17.96
C TYR A 332 -1.91 -16.11 18.62
N TYR A 333 -0.88 -16.51 17.88
CA TYR A 333 0.12 -17.41 18.40
C TYR A 333 1.55 -16.91 18.20
N THR A 334 1.81 -16.35 17.03
CA THR A 334 3.16 -15.92 16.72
C THR A 334 3.16 -14.79 15.69
N SER A 335 4.35 -14.43 15.23
CA SER A 335 4.52 -13.37 14.23
C SER A 335 5.64 -13.73 13.28
N ARG A 336 5.74 -12.99 12.18
CA ARG A 336 6.79 -13.23 11.18
C ARG A 336 7.32 -11.89 10.67
N PHE A 337 8.50 -11.94 10.05
CA PHE A 337 9.06 -10.74 9.44
C PHE A 337 8.62 -10.82 7.98
N SER A 338 8.02 -9.76 7.47
CA SER A 338 7.57 -9.76 6.08
C SER A 338 8.65 -9.14 5.20
N LYS A 339 9.10 -9.90 4.21
CA LYS A 339 10.15 -9.45 3.31
C LYS A 339 9.58 -9.26 1.90
N ASN A 340 9.77 -8.06 1.38
CA ASN A 340 9.29 -7.68 0.07
C ASN A 340 9.70 -8.60 -1.08
N ILE A 341 8.81 -8.71 -2.05
CA ILE A 341 9.04 -9.48 -3.26
C ILE A 341 8.45 -8.59 -4.34
N ASP A 342 9.29 -8.13 -5.26
CA ASP A 342 8.83 -7.27 -6.33
C ASP A 342 8.03 -8.05 -7.34
N ILE A 343 7.16 -7.34 -8.06
CA ILE A 343 6.36 -7.96 -9.10
C ILE A 343 7.33 -8.01 -10.27
N SER A 344 7.51 -9.18 -10.86
CA SER A 344 8.42 -9.29 -12.00
C SER A 344 8.15 -10.58 -12.76
N PRO A 345 8.67 -10.70 -14.00
CA PRO A 345 8.45 -11.91 -14.78
C PRO A 345 9.07 -13.13 -14.14
N ASN A 346 10.03 -12.91 -13.25
CA ASN A 346 10.72 -14.02 -12.58
C ASN A 346 9.93 -14.60 -11.42
N TYR A 347 8.81 -13.96 -11.06
CA TYR A 347 8.01 -14.45 -9.94
C TYR A 347 6.54 -14.69 -10.28
N SER A 348 6.08 -15.89 -10.02
CA SER A 348 4.70 -16.26 -10.28
C SER A 348 4.13 -16.88 -9.01
N PRO A 349 3.01 -16.35 -8.51
CA PRO A 349 2.41 -16.92 -7.29
C PRO A 349 1.95 -18.35 -7.53
N VAL A 350 2.10 -19.20 -6.52
CA VAL A 350 1.67 -20.60 -6.63
C VAL A 350 0.55 -20.83 -5.65
N LEU A 351 0.72 -20.33 -4.42
CA LEU A 351 -0.28 -20.48 -3.38
C LEU A 351 -1.01 -19.15 -3.27
N ASN A 352 -2.27 -19.19 -2.88
CA ASN A 352 -3.05 -17.98 -2.72
C ASN A 352 -2.28 -16.98 -1.87
N THR A 353 -1.61 -17.48 -0.83
CA THR A 353 -0.85 -16.61 0.06
C THR A 353 0.35 -15.93 -0.60
N ASP A 354 0.74 -16.40 -1.78
CA ASP A 354 1.87 -15.78 -2.46
C ASP A 354 1.45 -14.44 -3.07
N ASP A 355 0.14 -14.21 -3.13
CA ASP A 355 -0.40 -12.98 -3.71
C ASP A 355 0.01 -11.74 -2.92
N ALA A 356 0.50 -11.93 -1.71
CA ALA A 356 0.90 -10.81 -0.87
C ALA A 356 2.26 -10.27 -1.30
N TYR A 357 2.93 -11.01 -2.18
CA TYR A 357 4.25 -10.62 -2.64
C TYR A 357 5.15 -10.27 -1.46
N ALA A 358 5.34 -11.25 -0.60
CA ALA A 358 6.15 -11.08 0.58
C ALA A 358 6.44 -12.43 1.21
N SER A 359 7.69 -12.65 1.59
CA SER A 359 8.05 -13.90 2.23
C SER A 359 7.86 -13.66 3.72
N GLN A 360 7.43 -14.69 4.43
CA GLN A 360 7.20 -14.59 5.86
C GLN A 360 8.32 -15.34 6.53
N GLU A 361 9.24 -14.59 7.13
CA GLU A 361 10.41 -15.15 7.79
C GLU A 361 10.33 -15.24 9.31
N VAL A 362 10.87 -16.35 9.83
CA VAL A 362 10.92 -16.55 11.27
C VAL A 362 12.14 -15.76 11.75
N ASN A 363 13.20 -15.79 10.94
CA ASN A 363 14.44 -15.08 11.27
C ASN A 363 14.61 -13.75 10.57
N GLY A 364 15.03 -12.75 11.34
CA GLY A 364 15.24 -11.42 10.80
C GLY A 364 16.58 -11.31 10.11
N PRO A 365 16.93 -10.12 9.61
CA PRO A 365 18.21 -9.93 8.92
C PRO A 365 19.44 -10.32 9.74
N ASP A 366 19.30 -10.42 11.05
CA ASP A 366 20.43 -10.80 11.90
C ASP A 366 20.54 -12.31 12.09
N GLY A 367 19.64 -13.05 11.46
CA GLY A 367 19.66 -14.50 11.58
C GLY A 367 18.98 -15.03 12.84
N LYS A 368 18.50 -14.12 13.68
CA LYS A 368 17.83 -14.52 14.92
C LYS A 368 16.33 -14.61 14.75
N PRO A 369 15.69 -15.61 15.40
CA PRO A 369 14.24 -15.76 15.28
C PRO A 369 13.53 -14.53 15.84
N ILE A 370 12.35 -14.24 15.31
CA ILE A 370 11.58 -13.09 15.76
C ILE A 370 11.35 -13.20 17.27
N GLY A 371 11.29 -14.43 17.76
CA GLY A 371 11.06 -14.66 19.17
C GLY A 371 11.49 -16.07 19.52
N PRO A 372 11.59 -16.41 20.81
CA PRO A 372 12.01 -17.75 21.24
C PRO A 372 11.08 -18.85 20.72
N PRO A 373 11.65 -19.97 20.27
CA PRO A 373 10.84 -21.07 19.77
C PRO A 373 10.09 -21.74 20.91
N MET A 374 8.80 -22.00 20.73
CA MET A 374 7.98 -22.61 21.76
C MET A 374 7.91 -24.14 21.69
N GLY A 375 8.57 -24.72 20.69
CA GLY A 375 8.56 -26.17 20.59
C GLY A 375 8.11 -26.79 19.29
N ASN A 376 6.89 -26.48 18.84
CA ASN A 376 6.41 -27.07 17.60
C ASN A 376 7.08 -26.41 16.38
N PRO A 377 6.72 -26.85 15.17
CA PRO A 377 7.34 -26.28 13.96
C PRO A 377 7.16 -24.81 13.65
N TRP A 378 6.10 -24.19 14.16
CA TRP A 378 5.84 -22.81 13.79
C TRP A 378 5.66 -21.74 14.84
N ILE A 379 5.45 -22.10 16.11
CA ILE A 379 5.23 -21.08 17.13
C ILE A 379 6.48 -20.46 17.75
N TYR A 380 6.62 -19.16 17.54
CA TYR A 380 7.72 -18.41 18.12
C TYR A 380 7.11 -17.33 18.99
N MET A 381 7.55 -17.27 20.24
CA MET A 381 7.00 -16.32 21.18
C MET A 381 7.39 -14.88 20.87
N TYR A 382 6.38 -14.09 20.52
CA TYR A 382 6.56 -12.69 20.20
C TYR A 382 5.28 -11.98 20.57
N PRO A 383 5.05 -11.81 21.88
CA PRO A 383 3.82 -11.14 22.33
C PRO A 383 3.69 -9.70 21.85
N GLU A 384 4.80 -9.05 21.52
CA GLU A 384 4.77 -7.68 21.03
C GLU A 384 3.94 -7.67 19.75
N GLY A 385 3.90 -8.82 19.09
CA GLY A 385 3.12 -8.92 17.86
C GLY A 385 1.65 -8.78 18.17
N LEU A 386 1.24 -9.26 19.34
CA LEU A 386 -0.17 -9.20 19.76
C LEU A 386 -0.52 -7.73 19.98
N LYS A 387 0.39 -7.00 20.62
CA LYS A 387 0.17 -5.58 20.85
C LYS A 387 0.00 -4.88 19.50
N ASP A 388 0.93 -5.13 18.58
CA ASP A 388 0.86 -4.51 17.25
C ASP A 388 -0.50 -4.77 16.61
N LEU A 389 -0.94 -6.02 16.70
CA LEU A 389 -2.22 -6.42 16.14
C LEU A 389 -3.36 -5.62 16.77
N LEU A 390 -3.33 -5.51 18.08
CA LEU A 390 -4.37 -4.78 18.79
C LEU A 390 -4.36 -3.31 18.44
N MET A 391 -3.18 -2.75 18.21
CA MET A 391 -3.08 -1.33 17.85
C MET A 391 -3.62 -1.10 16.44
N ILE A 392 -3.56 -2.13 15.60
CA ILE A 392 -4.08 -2.04 14.25
C ILE A 392 -5.60 -2.08 14.33
N MET A 393 -6.12 -2.98 15.15
CA MET A 393 -7.57 -3.09 15.31
C MET A 393 -8.07 -1.78 15.88
N LYS A 394 -7.30 -1.22 16.81
CA LYS A 394 -7.65 0.04 17.47
C LYS A 394 -7.61 1.25 16.56
N ASN A 395 -6.47 1.47 15.91
CA ASN A 395 -6.28 2.64 15.06
C ASN A 395 -6.74 2.57 13.62
N LYS A 396 -6.82 1.37 13.05
CA LYS A 396 -7.23 1.27 11.67
C LYS A 396 -8.65 0.75 11.44
N TYR A 397 -9.08 -0.20 12.28
CA TYR A 397 -10.40 -0.79 12.10
C TYR A 397 -11.53 -0.48 13.08
N GLY A 398 -11.52 0.72 13.64
CA GLY A 398 -12.60 1.11 14.54
C GLY A 398 -12.53 0.69 16.00
N ASN A 399 -11.44 0.05 16.40
CA ASN A 399 -11.26 -0.39 17.79
C ASN A 399 -12.50 -1.12 18.33
N PRO A 400 -12.94 -2.18 17.66
CA PRO A 400 -14.11 -2.96 18.10
C PRO A 400 -13.78 -3.81 19.31
N PRO A 401 -14.81 -4.33 20.01
CA PRO A 401 -14.51 -5.16 21.19
C PRO A 401 -13.76 -6.37 20.65
N ILE A 402 -12.66 -6.73 21.30
CA ILE A 402 -11.85 -7.84 20.85
C ILE A 402 -11.67 -8.91 21.90
N TYR A 403 -11.67 -10.17 21.45
CA TYR A 403 -11.43 -11.28 22.35
C TYR A 403 -10.31 -12.11 21.75
N ILE A 404 -9.28 -12.40 22.54
CA ILE A 404 -8.21 -13.22 22.05
C ILE A 404 -8.80 -14.61 22.24
N THR A 405 -9.50 -15.06 21.21
CA THR A 405 -10.19 -16.34 21.25
C THR A 405 -9.30 -17.57 21.24
N GLU A 406 -8.01 -17.38 21.02
CA GLU A 406 -7.05 -18.47 21.03
C GLU A 406 -5.66 -17.94 21.28
N ASN A 407 -4.91 -18.62 22.14
CA ASN A 407 -3.53 -18.25 22.43
C ASN A 407 -2.92 -19.37 23.25
N GLY A 408 -1.83 -19.92 22.75
CA GLY A 408 -1.18 -21.01 23.45
C GLY A 408 -0.05 -21.59 22.63
N ILE A 409 0.48 -22.73 23.07
CA ILE A 409 1.56 -23.37 22.37
C ILE A 409 1.35 -24.87 22.37
N GLY A 410 2.03 -25.55 21.46
CA GLY A 410 1.91 -26.99 21.38
C GLY A 410 3.17 -27.68 21.85
N ASP A 411 3.03 -28.52 22.88
CA ASP A 411 4.18 -29.27 23.41
C ASP A 411 4.28 -30.52 22.54
N VAL A 412 5.42 -30.68 21.88
CA VAL A 412 5.59 -31.85 21.01
C VAL A 412 5.60 -33.12 21.85
N ASP A 413 4.93 -34.14 21.34
CA ASP A 413 4.84 -35.42 22.00
C ASP A 413 4.64 -36.46 20.90
N THR A 414 5.72 -37.13 20.51
CA THR A 414 5.65 -38.12 19.44
C THR A 414 5.99 -39.53 19.90
N LYS A 415 5.81 -40.48 18.98
CA LYS A 415 6.11 -41.88 19.27
C LYS A 415 7.62 -41.98 19.47
N GLU A 416 8.37 -41.31 18.59
CA GLU A 416 9.82 -41.32 18.65
C GLU A 416 10.35 -40.57 19.86
N THR A 417 9.68 -39.48 20.23
CA THR A 417 10.11 -38.67 21.35
C THR A 417 8.93 -38.36 22.25
N PRO A 418 8.47 -39.36 23.02
CA PRO A 418 7.33 -39.14 23.91
C PRO A 418 7.58 -38.09 24.98
N LEU A 419 6.52 -37.40 25.37
CA LEU A 419 6.60 -36.37 26.40
C LEU A 419 6.11 -37.03 27.70
N PRO A 420 7.02 -37.33 28.63
CA PRO A 420 6.60 -37.95 29.90
C PRO A 420 5.51 -37.12 30.57
N MET A 421 4.52 -37.79 31.15
CA MET A 421 3.42 -37.09 31.83
C MET A 421 3.96 -36.02 32.76
N GLU A 422 4.98 -36.36 33.53
CA GLU A 422 5.56 -35.40 34.45
C GLU A 422 6.00 -34.14 33.72
N ALA A 423 6.71 -34.33 32.60
CA ALA A 423 7.19 -33.19 31.82
C ALA A 423 6.01 -32.49 31.16
N ALA A 424 5.01 -33.26 30.74
CA ALA A 424 3.82 -32.70 30.11
C ALA A 424 3.07 -31.81 31.09
N LEU A 425 3.03 -32.23 32.35
CA LEU A 425 2.33 -31.47 33.38
C LEU A 425 3.11 -30.22 33.82
N ASN A 426 4.43 -30.28 33.76
CA ASN A 426 5.25 -29.11 34.15
C ASN A 426 5.49 -28.26 32.91
N ASP A 427 4.41 -27.76 32.32
CA ASP A 427 4.48 -26.94 31.11
C ASP A 427 4.81 -25.49 31.41
N TYR A 428 5.98 -25.25 31.98
CA TYR A 428 6.40 -23.90 32.30
C TYR A 428 6.63 -23.03 31.08
N LYS A 429 6.94 -23.67 29.95
CA LYS A 429 7.15 -22.93 28.71
C LYS A 429 5.80 -22.29 28.36
N ARG A 430 4.75 -23.10 28.38
CA ARG A 430 3.41 -22.61 28.10
C ARG A 430 3.00 -21.55 29.10
N LEU A 431 3.23 -21.82 30.39
CA LEU A 431 2.87 -20.89 31.46
C LEU A 431 3.51 -19.52 31.25
N ASP A 432 4.80 -19.54 30.93
CA ASP A 432 5.55 -18.31 30.69
C ASP A 432 4.94 -17.57 29.49
N TYR A 433 4.64 -18.33 28.44
CA TYR A 433 4.06 -17.79 27.22
C TYR A 433 2.71 -17.18 27.49
N ILE A 434 1.86 -17.90 28.22
CA ILE A 434 0.54 -17.42 28.55
C ILE A 434 0.63 -16.14 29.39
N GLN A 435 1.44 -16.17 30.43
CA GLN A 435 1.60 -15.01 31.29
C GLN A 435 2.07 -13.78 30.52
N ARG A 436 3.02 -13.96 29.61
CA ARG A 436 3.53 -12.83 28.84
C ARG A 436 2.48 -12.24 27.92
N HIS A 437 1.66 -13.08 27.28
CA HIS A 437 0.62 -12.53 26.41
C HIS A 437 -0.46 -11.84 27.22
N ILE A 438 -0.78 -12.39 28.38
CA ILE A 438 -1.78 -11.77 29.23
C ILE A 438 -1.22 -10.41 29.63
N ALA A 439 0.06 -10.35 29.98
CA ALA A 439 0.68 -9.09 30.34
C ALA A 439 0.56 -8.11 29.17
N THR A 440 0.80 -8.61 27.96
CA THR A 440 0.72 -7.77 26.78
C THR A 440 -0.68 -7.17 26.65
N LEU A 441 -1.71 -7.92 27.03
CA LEU A 441 -3.07 -7.41 26.96
C LEU A 441 -3.25 -6.22 27.90
N LYS A 442 -2.68 -6.31 29.10
CA LYS A 442 -2.78 -5.21 30.05
C LYS A 442 -2.12 -3.98 29.42
N GLU A 443 -0.93 -4.17 28.87
CA GLU A 443 -0.21 -3.08 28.22
C GLU A 443 -1.04 -2.50 27.08
N SER A 444 -1.70 -3.37 26.32
CA SER A 444 -2.51 -2.95 25.19
C SER A 444 -3.72 -2.17 25.68
N ILE A 445 -4.30 -2.62 26.79
CA ILE A 445 -5.45 -1.94 27.34
C ILE A 445 -5.02 -0.52 27.73
N ASP A 446 -3.85 -0.40 28.32
CA ASP A 446 -3.34 0.91 28.72
C ASP A 446 -3.11 1.79 27.49
N LEU A 447 -2.87 1.17 26.34
CA LEU A 447 -2.66 1.93 25.11
C LEU A 447 -4.00 2.20 24.43
N GLY A 448 -5.09 1.80 25.09
CA GLY A 448 -6.42 2.04 24.54
C GLY A 448 -7.07 0.92 23.76
N SER A 449 -6.52 -0.29 23.80
CA SER A 449 -7.11 -1.40 23.07
C SER A 449 -8.47 -1.77 23.67
N ASN A 450 -9.43 -2.08 22.82
CA ASN A 450 -10.77 -2.44 23.29
C ASN A 450 -10.88 -3.96 23.50
N VAL A 451 -9.77 -4.60 23.83
CA VAL A 451 -9.75 -6.04 24.07
C VAL A 451 -10.55 -6.30 25.37
N GLN A 452 -11.40 -7.31 25.35
CA GLN A 452 -12.26 -7.61 26.49
C GLN A 452 -12.12 -8.99 27.11
N GLY A 453 -11.30 -9.84 26.51
CA GLY A 453 -11.13 -11.17 27.05
C GLY A 453 -9.97 -11.93 26.46
N TYR A 454 -9.64 -13.05 27.10
CA TYR A 454 -8.54 -13.87 26.68
C TYR A 454 -8.90 -15.34 26.90
N PHE A 455 -8.77 -16.14 25.86
CA PHE A 455 -9.08 -17.56 25.94
C PHE A 455 -7.82 -18.39 25.69
N ALA A 456 -7.34 -19.08 26.72
CA ALA A 456 -6.17 -19.93 26.56
C ALA A 456 -6.54 -20.97 25.52
N TRP A 457 -5.78 -21.08 24.43
CA TRP A 457 -6.18 -22.07 23.46
C TRP A 457 -5.88 -23.48 23.90
N SER A 458 -6.97 -24.22 23.94
CA SER A 458 -7.00 -25.61 24.28
C SER A 458 -7.10 -25.90 25.76
N LEU A 459 -8.33 -26.10 26.18
CA LEU A 459 -8.62 -26.45 27.54
C LEU A 459 -7.94 -27.81 27.68
N LEU A 460 -8.00 -28.59 26.60
CA LEU A 460 -7.49 -29.95 26.59
C LEU A 460 -6.47 -30.33 25.52
N ASP A 461 -5.69 -31.37 25.80
CA ASP A 461 -4.76 -31.90 24.83
C ASP A 461 -5.73 -32.60 23.91
N ASN A 462 -5.59 -32.42 22.60
CA ASN A 462 -6.51 -33.07 21.68
C ASN A 462 -5.91 -33.29 20.29
N PHE A 463 -6.76 -33.67 19.34
CA PHE A 463 -6.32 -33.91 17.97
C PHE A 463 -5.89 -32.58 17.36
N GLU A 464 -4.71 -32.54 16.75
CA GLU A 464 -4.21 -31.31 16.16
C GLU A 464 -4.16 -31.31 14.63
N TRP A 465 -5.29 -31.69 14.03
CA TRP A 465 -5.42 -31.71 12.58
C TRP A 465 -4.33 -32.54 11.90
N PHE A 466 -3.63 -31.98 10.91
CA PHE A 466 -2.61 -32.75 10.22
C PHE A 466 -1.46 -33.17 11.13
N ALA A 467 -1.36 -32.53 12.29
CA ALA A 467 -0.31 -32.88 13.24
C ALA A 467 -0.78 -34.01 14.14
N GLY A 468 -2.03 -34.44 13.95
CA GLY A 468 -2.58 -35.53 14.74
C GLY A 468 -2.42 -35.31 16.24
N PHE A 469 -1.83 -36.29 16.92
CA PHE A 469 -1.63 -36.20 18.36
C PHE A 469 -0.16 -35.94 18.70
N THR A 470 0.59 -35.37 17.76
CA THR A 470 2.00 -35.10 17.99
C THR A 470 2.24 -33.84 18.82
N GLU A 471 1.18 -33.15 19.18
CA GLU A 471 1.32 -31.93 19.97
C GLU A 471 0.21 -31.79 21.00
N ARG A 472 0.61 -31.42 22.21
CA ARG A 472 -0.35 -31.23 23.29
C ARG A 472 -0.48 -29.72 23.53
N TYR A 473 -1.64 -29.18 23.15
CA TYR A 473 -1.90 -27.75 23.30
C TYR A 473 -2.70 -27.40 24.55
N GLY A 474 -3.15 -28.41 25.29
CA GLY A 474 -3.96 -28.14 26.46
C GLY A 474 -3.29 -27.60 27.71
N ILE A 475 -4.08 -26.92 28.53
CA ILE A 475 -3.59 -26.42 29.81
C ILE A 475 -3.98 -27.57 30.75
N VAL A 476 -4.77 -28.50 30.21
CA VAL A 476 -5.21 -29.68 30.96
C VAL A 476 -4.72 -30.89 30.16
N TYR A 477 -4.00 -31.77 30.83
CA TYR A 477 -3.44 -32.97 30.21
C TYR A 477 -4.49 -34.05 30.06
N VAL A 478 -4.48 -34.73 28.92
CA VAL A 478 -5.42 -35.81 28.66
C VAL A 478 -4.64 -37.10 28.47
N ASP A 479 -4.84 -38.04 29.40
CA ASP A 479 -4.14 -39.31 29.34
C ASP A 479 -4.96 -40.27 28.50
N ARG A 480 -4.66 -40.30 27.20
CA ARG A 480 -5.38 -41.17 26.29
C ARG A 480 -5.18 -42.65 26.57
N ASN A 481 -4.06 -42.98 27.20
CA ASN A 481 -3.78 -44.38 27.55
C ASN A 481 -4.80 -44.81 28.60
N ASN A 482 -5.07 -43.91 29.54
CA ASN A 482 -6.07 -44.18 30.56
C ASN A 482 -7.37 -43.90 29.81
N ASN A 483 -8.44 -43.51 30.48
CA ASN A 483 -9.65 -43.25 29.73
C ASN A 483 -9.81 -41.76 29.47
N CYS A 484 -8.79 -41.17 28.85
CA CYS A 484 -8.78 -39.75 28.56
C CYS A 484 -8.97 -38.97 29.84
N THR A 485 -8.45 -39.51 30.94
CA THR A 485 -8.53 -38.87 32.24
C THR A 485 -7.81 -37.53 32.15
N ARG A 486 -8.39 -36.50 32.76
CA ARG A 486 -7.79 -35.17 32.71
C ARG A 486 -6.99 -34.80 33.95
N TYR A 487 -5.86 -34.12 33.74
CA TYR A 487 -5.03 -33.65 34.85
C TYR A 487 -4.57 -32.23 34.55
N MET A 488 -4.77 -31.34 35.50
CA MET A 488 -4.36 -29.95 35.32
C MET A 488 -2.85 -29.82 35.24
N LYS A 489 -2.38 -29.05 34.26
CA LYS A 489 -0.94 -28.81 34.11
C LYS A 489 -0.61 -27.58 34.95
N GLU A 490 0.68 -27.27 35.08
CA GLU A 490 1.06 -26.09 35.85
C GLU A 490 0.39 -24.84 35.28
N SER A 491 0.26 -24.77 33.96
CA SER A 491 -0.37 -23.60 33.35
C SER A 491 -1.80 -23.46 33.88
N ALA A 492 -2.53 -24.57 33.90
CA ALA A 492 -3.91 -24.57 34.39
C ALA A 492 -3.95 -24.17 35.86
N LYS A 493 -3.01 -24.69 36.64
CA LYS A 493 -2.95 -24.39 38.05
C LYS A 493 -2.70 -22.91 38.29
N TRP A 494 -1.87 -22.28 37.45
CA TRP A 494 -1.62 -20.85 37.63
C TRP A 494 -2.84 -20.04 37.22
N LEU A 495 -3.52 -20.48 36.16
CA LEU A 495 -4.73 -19.78 35.72
C LEU A 495 -5.76 -19.84 36.83
N LYS A 496 -5.83 -21.00 37.50
CA LYS A 496 -6.77 -21.18 38.60
C LYS A 496 -6.43 -20.17 39.69
N GLU A 497 -5.15 -20.12 40.06
CA GLU A 497 -4.70 -19.19 41.08
C GLU A 497 -5.03 -17.76 40.66
N PHE A 498 -4.62 -17.42 39.44
CA PHE A 498 -4.87 -16.10 38.86
C PHE A 498 -6.34 -15.71 38.92
N ASN A 499 -7.22 -16.59 38.46
CA ASN A 499 -8.66 -16.34 38.43
C ASN A 499 -9.33 -16.29 39.81
N THR A 500 -8.85 -17.12 40.74
CA THR A 500 -9.44 -17.20 42.06
C THR A 500 -8.71 -16.48 43.18
N ALA A 501 -7.69 -15.69 42.82
CA ALA A 501 -6.91 -14.95 43.81
C ALA A 501 -7.79 -14.01 44.62
N MET B 12 0.25 39.05 2.65
CA MET B 12 -0.57 38.81 3.89
C MET B 12 0.29 38.36 5.07
N LEU B 13 1.55 38.03 4.81
CA LEU B 13 2.47 37.59 5.86
C LEU B 13 2.97 38.75 6.69
N SER B 14 3.18 38.50 7.98
CA SER B 14 3.68 39.53 8.89
C SER B 14 5.16 39.76 8.63
N PRO B 15 5.68 40.91 9.08
CA PRO B 15 7.10 41.23 8.89
C PRO B 15 8.02 40.13 9.40
N SER B 16 7.72 39.59 10.57
CA SER B 16 8.54 38.54 11.15
C SER B 16 8.31 37.20 10.45
N GLU B 17 7.31 37.17 9.57
CA GLU B 17 7.00 35.95 8.82
C GLU B 17 7.65 36.00 7.44
N ILE B 18 7.94 37.20 6.95
CA ILE B 18 8.56 37.36 5.65
C ILE B 18 9.95 36.76 5.70
N PRO B 19 10.24 35.77 4.83
CA PRO B 19 11.55 35.13 4.79
C PRO B 19 12.71 36.11 4.68
N GLN B 20 13.80 35.79 5.38
CA GLN B 20 15.01 36.60 5.34
C GLN B 20 16.09 35.68 4.79
N ARG B 21 17.03 36.25 4.03
CA ARG B 21 18.09 35.44 3.45
C ARG B 21 18.89 34.70 4.52
N ASP B 22 19.12 35.35 5.66
CA ASP B 22 19.88 34.74 6.73
C ASP B 22 19.12 33.63 7.45
N TRP B 23 17.94 33.30 6.95
CA TRP B 23 17.16 32.21 7.54
C TRP B 23 17.79 30.93 6.99
N PHE B 24 18.40 31.05 5.83
CA PHE B 24 19.02 29.93 5.13
C PHE B 24 20.54 29.95 5.20
N PRO B 25 21.16 28.77 5.06
CA PRO B 25 22.62 28.64 5.10
C PRO B 25 23.23 29.56 4.04
N SER B 26 24.49 29.91 4.23
CA SER B 26 25.15 30.79 3.29
C SER B 26 25.26 30.14 1.92
N ASP B 27 25.43 28.82 1.90
CA ASP B 27 25.56 28.11 0.63
C ASP B 27 24.25 27.63 0.02
N PHE B 28 23.12 28.09 0.56
CA PHE B 28 21.81 27.71 0.03
C PHE B 28 21.71 28.52 -1.25
N THR B 29 21.04 28.01 -2.27
CA THR B 29 20.95 28.79 -3.50
C THR B 29 19.54 29.16 -3.93
N PHE B 30 19.42 30.40 -4.40
CA PHE B 30 18.16 30.94 -4.88
C PHE B 30 18.37 31.33 -6.33
N GLY B 31 17.38 31.05 -7.17
CA GLY B 31 17.50 31.39 -8.58
C GLY B 31 16.14 31.44 -9.24
N ALA B 32 16.16 31.50 -10.57
CA ALA B 32 14.93 31.52 -11.35
C ALA B 32 15.13 30.47 -12.45
N ALA B 33 14.05 30.03 -13.06
CA ALA B 33 14.14 29.01 -14.08
C ALA B 33 13.27 29.31 -15.30
N THR B 34 13.61 28.63 -16.40
CA THR B 34 12.90 28.78 -17.67
C THR B 34 13.11 27.48 -18.46
N SER B 35 12.47 27.38 -19.63
CA SER B 35 12.64 26.22 -20.50
C SER B 35 12.86 26.78 -21.91
N ALA B 36 13.62 26.07 -22.72
CA ALA B 36 13.92 26.53 -24.07
C ALA B 36 12.74 26.91 -24.95
N TYR B 37 11.85 25.98 -25.24
CA TYR B 37 10.72 26.29 -26.12
C TYR B 37 9.86 27.43 -25.63
N GLN B 38 9.78 27.59 -24.32
CA GLN B 38 8.97 28.65 -23.76
C GLN B 38 9.50 30.07 -23.92
N ILE B 39 10.81 30.24 -23.86
CA ILE B 39 11.39 31.58 -23.97
C ILE B 39 12.27 31.91 -25.18
N GLU B 40 12.99 30.92 -25.70
CA GLU B 40 13.93 31.18 -26.79
C GLU B 40 13.49 31.87 -28.06
N GLY B 41 12.43 31.38 -28.69
CA GLY B 41 12.01 31.98 -29.94
C GLY B 41 13.02 31.50 -30.98
N ALA B 42 13.25 32.29 -32.03
CA ALA B 42 14.20 31.91 -33.09
C ALA B 42 14.04 30.42 -33.37
N TRP B 43 12.80 29.99 -33.50
CA TRP B 43 12.49 28.59 -33.71
C TRP B 43 13.08 27.92 -34.96
N ASN B 44 13.36 28.71 -35.99
CA ASN B 44 13.94 28.14 -37.21
C ASN B 44 15.16 28.95 -37.64
N GLU B 45 15.83 29.58 -36.68
CA GLU B 45 17.00 30.38 -36.98
C GLU B 45 18.31 29.68 -36.68
N ASP B 46 19.34 30.11 -37.40
CA ASP B 46 20.68 29.59 -37.23
C ASP B 46 20.77 28.07 -37.17
N GLY B 47 20.17 27.41 -38.16
CA GLY B 47 20.23 25.96 -38.23
C GLY B 47 19.35 25.14 -37.31
N LYS B 48 18.63 25.77 -36.39
CA LYS B 48 17.78 25.01 -35.47
C LYS B 48 16.75 24.15 -36.18
N GLY B 49 16.66 22.88 -35.77
CA GLY B 49 15.70 21.99 -36.38
C GLY B 49 14.32 22.12 -35.78
N GLU B 50 13.32 21.57 -36.46
CA GLU B 50 11.93 21.63 -35.98
C GLU B 50 11.73 20.67 -34.83
N SER B 51 11.02 21.11 -33.80
CA SER B 51 10.74 20.25 -32.65
C SER B 51 9.30 19.80 -32.70
N ASN B 52 8.97 18.83 -31.84
CA ASN B 52 7.62 18.32 -31.76
C ASN B 52 6.65 19.47 -31.46
N TRP B 53 7.10 20.45 -30.67
CA TRP B 53 6.24 21.57 -30.33
C TRP B 53 6.08 22.57 -31.47
N ASP B 54 7.14 22.81 -32.24
CA ASP B 54 7.02 23.69 -33.39
C ASP B 54 5.93 23.06 -34.25
N HIS B 55 6.08 21.77 -34.47
CA HIS B 55 5.17 20.98 -35.30
C HIS B 55 3.72 21.03 -34.79
N PHE B 56 3.55 20.74 -33.51
CA PHE B 56 2.23 20.73 -32.89
C PHE B 56 1.55 22.10 -32.99
N CYS B 57 2.26 23.15 -32.58
CA CYS B 57 1.70 24.51 -32.61
C CYS B 57 1.41 24.97 -34.03
N HIS B 58 2.29 24.64 -34.96
CA HIS B 58 2.10 25.07 -36.34
C HIS B 58 0.98 24.31 -37.05
N ASN B 59 0.83 23.04 -36.74
CA ASN B 59 -0.20 22.23 -37.38
C ASN B 59 -1.52 22.18 -36.63
N HIS B 60 -1.51 22.51 -35.35
CA HIS B 60 -2.73 22.45 -34.56
C HIS B 60 -2.93 23.64 -33.63
N PRO B 61 -3.15 24.82 -34.22
CA PRO B 61 -3.36 26.04 -33.43
C PRO B 61 -4.63 25.85 -32.60
N GLU B 62 -5.53 25.03 -33.11
CA GLU B 62 -6.79 24.79 -32.42
C GLU B 62 -6.57 24.08 -31.09
N ARG B 63 -5.38 23.52 -30.90
CA ARG B 63 -5.06 22.83 -29.65
C ARG B 63 -4.33 23.72 -28.66
N ILE B 64 -4.15 24.98 -29.02
CA ILE B 64 -3.51 25.94 -28.13
C ILE B 64 -4.64 26.89 -27.79
N LEU B 65 -4.88 27.07 -26.49
CA LEU B 65 -5.97 27.93 -26.02
C LEU B 65 -6.15 29.22 -26.81
N ASP B 66 -5.08 29.96 -27.06
CA ASP B 66 -5.19 31.21 -27.82
C ASP B 66 -4.66 31.10 -29.24
N GLY B 67 -4.46 29.87 -29.71
CA GLY B 67 -3.96 29.65 -31.06
C GLY B 67 -2.56 30.18 -31.33
N SER B 68 -1.82 30.51 -30.27
CA SER B 68 -0.47 31.04 -30.45
C SER B 68 0.55 29.93 -30.58
N ASN B 69 1.81 30.34 -30.67
CA ASN B 69 2.93 29.42 -30.78
C ASN B 69 4.12 30.14 -30.16
N SER B 70 5.23 29.43 -30.01
CA SER B 70 6.40 30.06 -29.41
C SER B 70 7.48 30.33 -30.45
N ASP B 71 7.07 30.78 -31.64
CA ASP B 71 8.02 31.10 -32.69
C ASP B 71 9.01 32.13 -32.15
N ILE B 72 8.51 33.02 -31.29
CA ILE B 72 9.33 34.05 -30.68
C ILE B 72 9.43 33.89 -29.17
N GLY B 73 8.37 33.35 -28.55
CA GLY B 73 8.39 33.14 -27.11
C GLY B 73 8.69 34.39 -26.30
N ALA B 74 9.89 34.46 -25.73
CA ALA B 74 10.30 35.63 -24.96
C ALA B 74 11.52 36.22 -25.66
N ASN B 75 11.84 35.66 -26.82
CA ASN B 75 12.97 36.10 -27.63
C ASN B 75 14.30 36.02 -26.90
N SER B 76 14.41 35.08 -25.97
CA SER B 76 15.63 34.94 -25.18
C SER B 76 16.84 34.49 -25.99
N TYR B 77 16.60 33.92 -27.17
CA TYR B 77 17.71 33.50 -28.00
C TYR B 77 18.52 34.76 -28.33
N HIS B 78 17.81 35.84 -28.63
CA HIS B 78 18.45 37.10 -28.97
C HIS B 78 18.68 38.02 -27.80
N MET B 79 17.86 37.87 -26.76
CA MET B 79 17.94 38.72 -25.59
C MET B 79 18.52 38.10 -24.33
N TYR B 80 19.27 37.01 -24.47
CA TYR B 80 19.82 36.36 -23.28
C TYR B 80 20.64 37.30 -22.40
N LYS B 81 21.43 38.19 -23.01
CA LYS B 81 22.24 39.13 -22.24
C LYS B 81 21.38 39.88 -21.24
N THR B 82 20.16 40.22 -21.64
CA THR B 82 19.27 40.94 -20.74
C THR B 82 18.76 40.01 -19.64
N ASP B 83 18.42 38.78 -20.00
CA ASP B 83 17.95 37.82 -19.02
C ASP B 83 19.01 37.68 -17.92
N VAL B 84 20.27 37.67 -18.33
CA VAL B 84 21.37 37.55 -17.38
C VAL B 84 21.47 38.81 -16.52
N ARG B 85 21.32 39.97 -17.13
CA ARG B 85 21.41 41.22 -16.39
C ARG B 85 20.35 41.18 -15.28
N LEU B 86 19.13 40.80 -15.66
CA LEU B 86 18.02 40.70 -14.70
C LEU B 86 18.34 39.77 -13.55
N LEU B 87 18.86 38.58 -13.86
CA LEU B 87 19.22 37.61 -12.83
C LEU B 87 20.27 38.23 -11.92
N LYS B 88 21.26 38.89 -12.51
CA LYS B 88 22.33 39.53 -11.75
C LYS B 88 21.79 40.62 -10.83
N GLU B 89 20.92 41.47 -11.37
CA GLU B 89 20.34 42.56 -10.59
C GLU B 89 19.52 42.03 -9.42
N MET B 90 18.90 40.87 -9.60
CA MET B 90 18.09 40.27 -8.54
C MET B 90 18.97 39.58 -7.51
N GLY B 91 20.25 39.47 -7.83
CA GLY B 91 21.18 38.81 -6.93
C GLY B 91 20.96 37.31 -6.86
N MET B 92 20.47 36.74 -7.96
CA MET B 92 20.22 35.30 -8.00
C MET B 92 21.55 34.53 -7.96
N ASP B 93 21.57 33.45 -7.20
CA ASP B 93 22.77 32.62 -7.10
C ASP B 93 22.87 31.69 -8.30
N ALA B 94 21.73 31.33 -8.87
CA ALA B 94 21.73 30.42 -10.00
C ALA B 94 20.58 30.65 -10.96
N TYR B 95 20.68 30.00 -12.11
CA TYR B 95 19.67 30.12 -13.16
C TYR B 95 19.51 28.75 -13.77
N ARG B 96 18.28 28.25 -13.79
CA ARG B 96 18.03 26.94 -14.39
C ARG B 96 17.32 27.19 -15.71
N PHE B 97 17.93 26.73 -16.79
CA PHE B 97 17.35 26.89 -18.12
C PHE B 97 17.53 25.55 -18.81
N SER B 98 16.82 25.32 -19.91
CA SER B 98 16.98 24.07 -20.61
C SER B 98 17.61 24.29 -21.96
N ILE B 99 18.15 23.23 -22.52
CA ILE B 99 18.79 23.28 -23.83
C ILE B 99 17.86 22.67 -24.86
N SER B 100 17.73 23.34 -26.00
CA SER B 100 16.87 22.86 -27.07
C SER B 100 17.57 21.78 -27.89
N TRP B 101 17.08 20.55 -27.76
CA TRP B 101 17.64 19.40 -28.47
C TRP B 101 17.77 19.68 -29.98
N PRO B 102 16.69 20.13 -30.63
CA PRO B 102 16.81 20.40 -32.08
C PRO B 102 17.68 21.60 -32.44
N ARG B 103 17.96 22.47 -31.48
CA ARG B 103 18.81 23.62 -31.77
C ARG B 103 20.26 23.16 -31.76
N ILE B 104 20.52 22.08 -31.02
CA ILE B 104 21.85 21.51 -30.92
C ILE B 104 22.05 20.44 -31.99
N LEU B 105 21.02 19.64 -32.22
CA LEU B 105 21.06 18.57 -33.21
C LEU B 105 19.77 18.69 -34.05
N PRO B 106 19.83 19.48 -35.13
CA PRO B 106 18.69 19.71 -36.02
C PRO B 106 17.89 18.47 -36.41
N LYS B 107 18.59 17.36 -36.64
CA LYS B 107 17.91 16.12 -37.00
C LYS B 107 17.83 15.19 -35.80
N GLY B 108 18.19 15.72 -34.64
CA GLY B 108 18.12 14.97 -33.40
C GLY B 108 19.15 13.86 -33.24
N THR B 109 19.94 13.62 -34.27
CA THR B 109 20.92 12.55 -34.26
C THR B 109 22.36 13.00 -34.45
N LYS B 110 23.27 12.05 -34.25
CA LYS B 110 24.68 12.29 -34.44
C LYS B 110 24.96 12.51 -35.92
N GLU B 111 24.49 11.59 -36.76
CA GLU B 111 24.71 11.69 -38.20
C GLU B 111 24.10 12.98 -38.73
N GLY B 112 23.08 13.49 -38.04
CA GLY B 112 22.45 14.73 -38.46
C GLY B 112 23.38 15.91 -38.26
N GLY B 113 24.42 15.71 -37.45
CA GLY B 113 25.39 16.78 -37.21
C GLY B 113 25.01 17.74 -36.09
N ILE B 114 26.03 18.38 -35.54
CA ILE B 114 25.85 19.35 -34.46
C ILE B 114 25.75 20.76 -35.01
N ASN B 115 24.76 21.52 -34.54
CA ASN B 115 24.56 22.89 -34.98
C ASN B 115 25.50 23.84 -34.22
N PRO B 116 26.54 24.34 -34.90
CA PRO B 116 27.50 25.25 -34.26
C PRO B 116 26.88 26.49 -33.63
N ASP B 117 25.84 27.03 -34.26
CA ASP B 117 25.18 28.21 -33.71
C ASP B 117 24.42 27.85 -32.46
N GLY B 118 23.88 26.63 -32.42
CA GLY B 118 23.15 26.19 -31.26
C GLY B 118 24.11 26.08 -30.08
N ILE B 119 25.27 25.48 -30.33
CA ILE B 119 26.30 25.34 -29.30
C ILE B 119 26.76 26.72 -28.82
N LYS B 120 27.04 27.60 -29.78
CA LYS B 120 27.50 28.94 -29.48
C LYS B 120 26.57 29.70 -28.53
N TYR B 121 25.28 29.62 -28.79
CA TYR B 121 24.29 30.31 -27.98
C TYR B 121 24.37 29.93 -26.50
N TYR B 122 24.29 28.64 -26.22
CA TYR B 122 24.35 28.16 -24.83
C TYR B 122 25.73 28.40 -24.23
N ARG B 123 26.75 28.34 -25.06
CA ARG B 123 28.10 28.56 -24.59
C ARG B 123 28.18 30.00 -24.07
N ASN B 124 27.68 30.95 -24.87
CA ASN B 124 27.71 32.36 -24.50
C ASN B 124 26.86 32.64 -23.27
N LEU B 125 25.69 32.00 -23.19
CA LEU B 125 24.82 32.19 -22.04
C LEU B 125 25.48 31.70 -20.77
N ILE B 126 26.09 30.52 -20.85
CA ILE B 126 26.77 29.94 -19.71
C ILE B 126 27.92 30.80 -19.22
N ASN B 127 28.77 31.25 -20.15
CA ASN B 127 29.91 32.08 -19.77
C ASN B 127 29.47 33.41 -19.17
N LEU B 128 28.44 34.01 -19.76
CA LEU B 128 27.96 35.28 -19.25
C LEU B 128 27.40 35.09 -17.85
N LEU B 129 26.66 33.99 -17.63
CA LEU B 129 26.11 33.74 -16.31
C LEU B 129 27.27 33.66 -15.31
N LEU B 130 28.22 32.77 -15.60
CA LEU B 130 29.36 32.59 -14.72
C LEU B 130 30.16 33.87 -14.58
N GLU B 131 30.21 34.67 -15.64
CA GLU B 131 30.94 35.93 -15.57
C GLU B 131 30.30 36.80 -14.51
N ASN B 132 28.98 36.69 -14.36
CA ASN B 132 28.25 37.48 -13.37
C ASN B 132 28.03 36.76 -12.06
N GLY B 133 28.83 35.73 -11.80
CA GLY B 133 28.71 34.97 -10.57
C GLY B 133 27.42 34.20 -10.38
N ILE B 134 26.77 33.83 -11.49
CA ILE B 134 25.52 33.08 -11.40
C ILE B 134 25.77 31.65 -11.85
N GLU B 135 25.36 30.69 -11.03
CA GLU B 135 25.55 29.28 -11.34
C GLU B 135 24.50 28.75 -12.29
N PRO B 136 24.94 28.10 -13.38
CA PRO B 136 23.96 27.56 -14.32
C PRO B 136 23.55 26.13 -13.96
N TYR B 137 22.24 25.91 -13.88
CA TYR B 137 21.69 24.59 -13.62
C TYR B 137 21.09 24.24 -14.97
N VAL B 138 21.77 23.38 -15.70
CA VAL B 138 21.36 23.02 -17.04
C VAL B 138 20.44 21.81 -17.17
N THR B 139 19.23 22.06 -17.64
CA THR B 139 18.24 21.01 -17.87
C THR B 139 18.43 20.59 -19.32
N ILE B 140 18.82 19.34 -19.53
CA ILE B 140 19.08 18.85 -20.87
C ILE B 140 17.85 18.74 -21.76
N PHE B 141 16.73 18.31 -21.20
CA PHE B 141 15.52 18.14 -21.97
C PHE B 141 14.25 18.63 -21.32
N HIS B 142 13.53 19.52 -22.00
CA HIS B 142 12.28 20.00 -21.45
C HIS B 142 11.18 19.91 -22.51
N TRP B 143 10.85 18.67 -22.86
CA TRP B 143 9.77 18.35 -23.79
C TRP B 143 9.94 18.64 -25.27
N ASP B 144 11.02 19.34 -25.62
CA ASP B 144 11.25 19.68 -27.02
C ASP B 144 12.01 18.62 -27.80
N VAL B 145 11.27 17.61 -28.27
CA VAL B 145 11.85 16.52 -29.05
C VAL B 145 12.01 16.94 -30.50
N PRO B 146 13.16 16.64 -31.11
CA PRO B 146 13.39 16.99 -32.51
C PRO B 146 12.32 16.26 -33.35
N GLN B 147 11.58 17.01 -34.17
CA GLN B 147 10.53 16.40 -34.98
C GLN B 147 11.08 15.28 -35.87
N ALA B 148 12.35 15.37 -36.24
CA ALA B 148 12.95 14.34 -37.09
C ALA B 148 12.89 12.99 -36.37
N LEU B 149 13.01 13.00 -35.04
CA LEU B 149 12.96 11.75 -34.27
C LEU B 149 11.53 11.30 -34.11
N GLU B 150 10.62 12.27 -34.01
CA GLU B 150 9.20 11.98 -33.86
C GLU B 150 8.72 11.22 -35.08
N GLU B 151 9.10 11.71 -36.26
CA GLU B 151 8.69 11.10 -37.51
C GLU B 151 9.38 9.77 -37.80
N LYS B 152 10.62 9.63 -37.35
CA LYS B 152 11.37 8.40 -37.59
C LYS B 152 10.88 7.22 -36.75
N TYR B 153 10.69 7.43 -35.45
CA TYR B 153 10.25 6.33 -34.60
C TYR B 153 9.31 6.70 -33.46
N GLY B 154 8.71 7.87 -33.54
CA GLY B 154 7.78 8.30 -32.51
C GLY B 154 8.40 8.98 -31.30
N GLY B 155 9.68 9.30 -31.39
CA GLY B 155 10.35 9.94 -30.27
C GLY B 155 10.37 9.00 -29.08
N PHE B 156 9.90 9.47 -27.94
CA PHE B 156 9.89 8.64 -26.74
C PHE B 156 8.85 7.52 -26.79
N LEU B 157 8.14 7.42 -27.91
CA LEU B 157 7.17 6.33 -28.05
C LEU B 157 7.89 5.10 -28.61
N ASP B 158 9.17 5.28 -28.92
CA ASP B 158 10.03 4.23 -29.48
C ASP B 158 9.83 2.88 -28.79
N LYS B 159 9.13 1.97 -29.46
CA LYS B 159 8.85 0.66 -28.89
C LYS B 159 10.07 -0.23 -28.70
N SER B 160 11.20 0.15 -29.27
CA SER B 160 12.42 -0.63 -29.14
C SER B 160 13.14 -0.37 -27.82
N HIS B 161 12.92 0.81 -27.25
CA HIS B 161 13.58 1.23 -26.01
C HIS B 161 15.07 1.31 -26.29
N LYS B 162 15.41 1.56 -27.56
CA LYS B 162 16.81 1.64 -27.98
C LYS B 162 17.17 2.94 -28.73
N SER B 163 16.46 3.22 -29.81
CA SER B 163 16.72 4.42 -30.61
C SER B 163 16.69 5.73 -29.82
N ILE B 164 15.55 6.03 -29.22
CA ILE B 164 15.41 7.26 -28.45
C ILE B 164 16.44 7.31 -27.32
N VAL B 165 16.75 6.15 -26.74
CA VAL B 165 17.70 6.10 -25.64
C VAL B 165 19.09 6.47 -26.13
N GLU B 166 19.49 5.91 -27.26
CA GLU B 166 20.80 6.23 -27.83
C GLU B 166 20.82 7.69 -28.28
N ASP B 167 19.77 8.12 -28.99
CA ASP B 167 19.74 9.50 -29.46
C ASP B 167 19.75 10.51 -28.33
N TYR B 168 18.97 10.26 -27.27
CA TYR B 168 18.97 11.18 -26.15
C TYR B 168 20.35 11.18 -25.49
N THR B 169 20.95 10.00 -25.38
CA THR B 169 22.26 9.88 -24.74
C THR B 169 23.29 10.68 -25.51
N TYR B 170 23.27 10.57 -26.83
CA TYR B 170 24.25 11.30 -27.64
C TYR B 170 24.04 12.80 -27.43
N PHE B 171 22.79 13.22 -27.36
CA PHE B 171 22.48 14.62 -27.15
C PHE B 171 23.12 15.07 -25.83
N ALA B 172 22.93 14.28 -24.78
CA ALA B 172 23.53 14.60 -23.48
C ALA B 172 25.04 14.69 -23.63
N LYS B 173 25.62 13.73 -24.36
CA LYS B 173 27.07 13.74 -24.59
C LYS B 173 27.50 15.07 -25.19
N VAL B 174 26.77 15.52 -26.21
CA VAL B 174 27.11 16.77 -26.87
C VAL B 174 27.07 17.91 -25.87
N CYS B 175 26.11 17.86 -24.95
CA CYS B 175 26.01 18.90 -23.94
C CYS B 175 27.17 18.81 -22.97
N PHE B 176 27.52 17.59 -22.55
CA PHE B 176 28.64 17.40 -21.63
C PHE B 176 29.95 17.82 -22.27
N ASP B 177 30.17 17.39 -23.51
CA ASP B 177 31.38 17.73 -24.24
C ASP B 177 31.57 19.24 -24.40
N ASN B 178 30.48 19.93 -24.72
CA ASN B 178 30.57 21.36 -24.97
C ASN B 178 30.40 22.29 -23.80
N PHE B 179 29.72 21.84 -22.75
CA PHE B 179 29.51 22.72 -21.60
C PHE B 179 30.00 22.16 -20.28
N GLY B 180 30.41 20.89 -20.29
CA GLY B 180 30.87 20.23 -19.08
C GLY B 180 31.95 20.94 -18.27
N ASP B 181 32.85 21.65 -18.94
CA ASP B 181 33.91 22.35 -18.22
C ASP B 181 33.37 23.50 -17.40
N LYS B 182 32.24 24.06 -17.84
CA LYS B 182 31.62 25.19 -17.18
C LYS B 182 30.45 24.79 -16.29
N VAL B 183 29.70 23.78 -16.71
CA VAL B 183 28.53 23.35 -15.96
C VAL B 183 28.84 22.32 -14.87
N LYS B 184 28.37 22.63 -13.66
CA LYS B 184 28.57 21.77 -12.50
C LYS B 184 27.25 21.16 -12.02
N ASN B 185 26.16 21.51 -12.68
CA ASN B 185 24.85 21.01 -12.29
C ASN B 185 23.99 20.66 -13.50
N TRP B 186 23.72 19.37 -13.66
CA TRP B 186 22.93 18.89 -14.78
C TRP B 186 21.63 18.22 -14.36
N LEU B 187 20.59 18.43 -15.16
CA LEU B 187 19.28 17.82 -14.93
C LEU B 187 18.92 17.21 -16.27
N THR B 188 18.87 15.88 -16.33
CA THR B 188 18.57 15.18 -17.56
C THR B 188 17.17 15.50 -18.07
N PHE B 189 16.19 15.32 -17.21
CA PHE B 189 14.81 15.58 -17.58
C PHE B 189 14.11 16.48 -16.58
N ASN B 190 13.04 17.11 -17.05
CA ASN B 190 12.24 17.99 -16.23
C ASN B 190 10.77 17.62 -16.47
N ASP B 191 10.05 17.37 -15.38
CA ASP B 191 8.65 17.02 -15.44
C ASP B 191 8.35 15.85 -16.35
N PRO B 192 9.00 14.70 -16.12
CA PRO B 192 8.72 13.56 -16.99
C PRO B 192 7.27 13.09 -16.91
N GLN B 193 6.68 13.19 -15.72
CA GLN B 193 5.30 12.75 -15.54
C GLN B 193 4.31 13.58 -16.35
N THR B 194 4.47 14.90 -16.31
CA THR B 194 3.56 15.75 -17.08
C THR B 194 3.78 15.51 -18.57
N PHE B 195 5.03 15.39 -18.97
CA PHE B 195 5.35 15.16 -20.37
C PHE B 195 4.68 13.91 -20.92
N THR B 196 4.90 12.78 -20.27
CA THR B 196 4.31 11.53 -20.72
C THR B 196 2.80 11.52 -20.62
N SER B 197 2.26 11.93 -19.47
CA SER B 197 0.81 11.94 -19.28
C SER B 197 0.07 12.89 -20.21
N PHE B 198 0.57 14.10 -20.37
CA PHE B 198 -0.09 15.07 -21.23
C PHE B 198 0.13 14.89 -22.73
N SER B 199 1.29 14.38 -23.11
CA SER B 199 1.59 14.20 -24.51
C SER B 199 0.95 12.94 -25.09
N TYR B 200 0.78 11.92 -24.25
CA TYR B 200 0.24 10.65 -24.71
C TYR B 200 -0.95 10.12 -23.93
N GLY B 201 -1.29 10.81 -22.84
CA GLY B 201 -2.43 10.39 -22.04
C GLY B 201 -3.63 11.21 -22.47
N THR B 202 -3.65 12.48 -22.08
CA THR B 202 -4.74 13.37 -22.45
C THR B 202 -4.48 13.99 -23.82
N GLY B 203 -3.23 13.94 -24.25
CA GLY B 203 -2.89 14.48 -25.55
C GLY B 203 -2.98 16.00 -25.68
N VAL B 204 -2.91 16.72 -24.57
CA VAL B 204 -2.98 18.18 -24.61
C VAL B 204 -1.62 18.77 -25.00
N PHE B 205 -0.57 17.97 -24.86
CA PHE B 205 0.79 18.38 -25.22
C PHE B 205 1.14 17.70 -26.53
N ALA B 206 2.12 18.24 -27.23
CA ALA B 206 2.58 17.66 -28.50
C ALA B 206 3.07 16.25 -28.19
N PRO B 207 2.88 15.31 -29.13
CA PRO B 207 2.26 15.47 -30.44
C PRO B 207 0.73 15.44 -30.43
N GLY B 208 0.14 15.34 -29.25
CA GLY B 208 -1.31 15.33 -29.14
C GLY B 208 -2.00 13.99 -29.35
N ARG B 209 -1.46 12.93 -28.74
CA ARG B 209 -2.05 11.60 -28.87
C ARG B 209 -2.83 11.19 -27.62
N CYS B 210 -3.84 10.35 -27.84
CA CYS B 210 -4.70 9.85 -26.76
C CYS B 210 -5.48 8.67 -27.31
N SER B 211 -6.20 7.98 -26.45
CA SER B 211 -6.95 6.81 -26.87
C SER B 211 -8.08 7.17 -27.81
N PRO B 212 -8.46 6.25 -28.71
CA PRO B 212 -9.56 6.58 -29.62
C PRO B 212 -10.75 6.92 -28.73
N GLY B 213 -11.59 7.85 -29.17
CA GLY B 213 -12.72 8.25 -28.38
C GLY B 213 -12.45 9.48 -27.52
N LEU B 214 -11.18 9.71 -27.20
CA LEU B 214 -10.82 10.87 -26.40
C LEU B 214 -10.59 12.08 -27.30
N ASP B 215 -10.67 13.27 -26.71
CA ASP B 215 -10.52 14.48 -27.48
C ASP B 215 -9.11 15.07 -27.54
N CYS B 216 -8.38 14.73 -28.60
CA CYS B 216 -7.04 15.25 -28.81
C CYS B 216 -6.77 15.19 -30.31
N ALA B 217 -5.75 15.89 -30.77
CA ALA B 217 -5.42 15.93 -32.19
C ALA B 217 -5.33 14.57 -32.86
N TYR B 218 -4.75 13.59 -32.17
CA TYR B 218 -4.61 12.26 -32.75
C TYR B 218 -5.08 11.16 -31.83
N PRO B 219 -6.41 10.95 -31.78
CA PRO B 219 -7.04 9.93 -30.94
C PRO B 219 -6.84 8.53 -31.49
N THR B 220 -5.59 8.18 -31.77
CA THR B 220 -5.28 6.85 -32.30
C THR B 220 -4.15 6.22 -31.49
N GLY B 221 -3.87 6.80 -30.33
CA GLY B 221 -2.82 6.25 -29.48
C GLY B 221 -3.43 5.31 -28.45
N ASN B 222 -2.93 5.38 -27.22
CA ASN B 222 -3.44 4.54 -26.14
C ASN B 222 -3.04 5.22 -24.83
N SER B 223 -3.99 5.91 -24.23
CA SER B 223 -3.75 6.66 -23.00
C SER B 223 -3.39 5.80 -21.80
N LEU B 224 -3.57 4.50 -21.95
CA LEU B 224 -3.29 3.57 -20.87
C LEU B 224 -1.92 2.93 -21.05
N VAL B 225 -1.34 3.11 -22.24
CA VAL B 225 -0.05 2.49 -22.55
C VAL B 225 1.07 3.42 -23.00
N GLU B 226 0.79 4.28 -23.98
CA GLU B 226 1.83 5.17 -24.47
C GLU B 226 2.53 6.01 -23.39
N PRO B 227 1.77 6.52 -22.41
CA PRO B 227 2.44 7.32 -21.39
C PRO B 227 3.53 6.48 -20.69
N TYR B 228 3.23 5.20 -20.44
CA TYR B 228 4.19 4.32 -19.78
C TYR B 228 5.37 3.96 -20.68
N THR B 229 5.12 3.81 -21.97
CA THR B 229 6.19 3.49 -22.90
C THR B 229 7.18 4.64 -22.93
N ALA B 230 6.64 5.85 -23.02
CA ALA B 230 7.45 7.05 -23.07
C ALA B 230 8.19 7.21 -21.75
N GLY B 231 7.50 6.94 -20.65
CA GLY B 231 8.12 7.07 -19.35
C GLY B 231 9.26 6.09 -19.21
N HIS B 232 9.06 4.89 -19.74
CA HIS B 232 10.08 3.86 -19.67
C HIS B 232 11.32 4.34 -20.44
N ASN B 233 11.11 4.84 -21.66
CA ASN B 233 12.23 5.32 -22.46
C ASN B 233 12.94 6.50 -21.80
N ILE B 234 12.19 7.35 -21.11
CA ILE B 234 12.79 8.49 -20.43
C ILE B 234 13.72 7.98 -19.34
N LEU B 235 13.24 7.02 -18.56
CA LEU B 235 14.06 6.47 -17.49
C LEU B 235 15.31 5.80 -18.02
N LEU B 236 15.17 5.01 -19.09
CA LEU B 236 16.33 4.35 -19.69
C LEU B 236 17.30 5.42 -20.20
N ALA B 237 16.75 6.46 -20.82
CA ALA B 237 17.55 7.55 -21.35
C ALA B 237 18.31 8.23 -20.20
N HIS B 238 17.60 8.50 -19.12
CA HIS B 238 18.21 9.14 -17.96
C HIS B 238 19.35 8.29 -17.41
N ALA B 239 19.05 7.01 -17.19
CA ALA B 239 20.01 6.07 -16.66
C ALA B 239 21.26 6.01 -17.52
N GLU B 240 21.06 6.01 -18.83
CA GLU B 240 22.17 5.94 -19.77
C GLU B 240 22.99 7.23 -19.73
N ALA B 241 22.31 8.38 -19.73
CA ALA B 241 22.97 9.67 -19.71
C ALA B 241 23.79 9.84 -18.42
N VAL B 242 23.23 9.39 -17.30
CA VAL B 242 23.93 9.49 -16.04
C VAL B 242 25.14 8.56 -15.99
N ASP B 243 24.99 7.36 -16.57
CA ASP B 243 26.09 6.41 -16.59
C ASP B 243 27.23 7.03 -17.39
N LEU B 244 26.88 7.68 -18.49
CA LEU B 244 27.86 8.35 -19.35
C LEU B 244 28.53 9.48 -18.58
N TYR B 245 27.71 10.27 -17.89
CA TYR B 245 28.24 11.39 -17.12
C TYR B 245 29.24 10.94 -16.07
N ASN B 246 28.85 9.96 -15.27
CA ASN B 246 29.70 9.44 -14.20
C ASN B 246 31.00 8.85 -14.73
N LYS B 247 30.90 8.12 -15.84
CA LYS B 247 32.06 7.47 -16.41
C LYS B 247 33.06 8.37 -17.12
N HIS B 248 32.59 9.44 -17.75
CA HIS B 248 33.50 10.31 -18.50
C HIS B 248 33.44 11.80 -18.26
N TYR B 249 32.55 12.28 -17.41
CA TYR B 249 32.43 13.71 -17.24
C TYR B 249 32.31 14.23 -15.82
N LYS B 250 31.83 13.41 -14.90
CA LYS B 250 31.68 13.88 -13.53
C LYS B 250 32.98 14.24 -12.84
N ARG B 251 32.90 15.24 -11.97
CA ARG B 251 34.02 15.70 -11.17
C ARG B 251 33.49 15.79 -9.75
N ASP B 252 34.39 15.84 -8.78
CA ASP B 252 34.03 15.92 -7.37
C ASP B 252 32.92 16.90 -7.04
N ASP B 253 33.00 18.09 -7.63
CA ASP B 253 32.02 19.12 -7.36
C ASP B 253 30.88 19.26 -8.37
N THR B 254 30.73 18.30 -9.28
CA THR B 254 29.64 18.39 -10.25
C THR B 254 28.54 17.42 -9.85
N ARG B 255 27.31 17.72 -10.28
CA ARG B 255 26.18 16.88 -9.93
C ARG B 255 25.21 16.76 -11.08
N ILE B 256 24.51 15.64 -11.11
CA ILE B 256 23.52 15.38 -12.14
C ILE B 256 22.31 14.69 -11.51
N GLY B 257 21.15 14.91 -12.10
CA GLY B 257 19.93 14.30 -11.60
C GLY B 257 18.81 14.65 -12.55
N LEU B 258 17.59 14.72 -12.03
CA LEU B 258 16.44 15.10 -12.83
C LEU B 258 15.44 15.75 -11.90
N ALA B 259 14.46 16.45 -12.47
CA ALA B 259 13.47 17.15 -11.68
C ALA B 259 12.09 16.58 -11.96
N PHE B 260 11.35 16.31 -10.89
CA PHE B 260 10.01 15.74 -11.02
C PHE B 260 8.92 16.77 -10.77
N ASP B 261 7.85 16.70 -11.55
CA ASP B 261 6.72 17.58 -11.34
C ASP B 261 5.94 16.82 -10.28
N VAL B 262 5.46 17.52 -9.27
CA VAL B 262 4.73 16.82 -8.22
C VAL B 262 3.74 17.68 -7.46
N MET B 263 2.53 17.14 -7.29
CA MET B 263 1.49 17.82 -6.53
C MET B 263 1.41 17.08 -5.21
N GLY B 264 1.30 17.83 -4.12
CA GLY B 264 1.20 17.18 -2.82
C GLY B 264 -0.09 16.38 -2.80
N ARG B 265 -0.12 15.33 -1.99
CA ARG B 265 -1.30 14.50 -1.88
C ARG B 265 -1.72 14.42 -0.43
N VAL B 266 -3.01 14.63 -0.19
CA VAL B 266 -3.55 14.57 1.17
C VAL B 266 -4.80 13.70 1.16
N PRO B 267 -4.92 12.79 2.14
CA PRO B 267 -6.11 11.93 2.19
C PRO B 267 -7.37 12.77 2.14
N TYR B 268 -8.29 12.43 1.24
CA TYR B 268 -9.53 13.16 1.12
C TYR B 268 -10.25 13.16 2.46
N GLY B 269 -10.50 11.97 3.00
CA GLY B 269 -11.19 11.84 4.27
C GLY B 269 -10.32 11.19 5.34
N THR B 270 -10.96 10.73 6.41
CA THR B 270 -10.26 10.10 7.51
C THR B 270 -10.11 8.58 7.34
N SER B 271 -10.91 8.01 6.44
CA SER B 271 -10.85 6.57 6.20
C SER B 271 -9.46 6.10 5.81
N PHE B 272 -9.05 4.93 6.30
CA PHE B 272 -7.74 4.41 5.96
C PHE B 272 -7.69 4.19 4.44
N LEU B 273 -8.86 4.08 3.83
CA LEU B 273 -8.93 3.87 2.39
C LEU B 273 -8.33 5.09 1.66
N ASP B 274 -8.64 6.30 2.13
CA ASP B 274 -8.09 7.48 1.46
C ASP B 274 -6.59 7.61 1.71
N LYS B 275 -6.11 7.12 2.84
CA LYS B 275 -4.67 7.16 3.12
C LYS B 275 -4.00 6.27 2.07
N GLN B 276 -4.62 5.12 1.80
CA GLN B 276 -4.09 4.19 0.81
C GLN B 276 -4.15 4.87 -0.56
N ALA B 277 -5.25 5.58 -0.83
CA ALA B 277 -5.39 6.29 -2.09
C ALA B 277 -4.31 7.36 -2.21
N GLU B 278 -4.06 8.06 -1.10
CA GLU B 278 -3.05 9.10 -1.08
C GLU B 278 -1.69 8.50 -1.42
N GLU B 279 -1.40 7.34 -0.83
CA GLU B 279 -0.14 6.66 -1.06
C GLU B 279 -0.01 6.26 -2.54
N ARG B 280 -1.11 5.76 -3.12
CA ARG B 280 -1.07 5.36 -4.52
C ARG B 280 -0.89 6.59 -5.41
N SER B 281 -1.39 7.74 -4.95
CA SER B 281 -1.28 8.95 -5.74
C SER B 281 0.15 9.47 -5.74
N TRP B 282 0.80 9.48 -4.58
CA TRP B 282 2.18 9.93 -4.52
C TRP B 282 2.97 9.02 -5.47
N ASP B 283 2.66 7.73 -5.42
CA ASP B 283 3.35 6.74 -6.25
C ASP B 283 3.23 6.97 -7.76
N ILE B 284 2.02 7.20 -8.23
CA ILE B 284 1.82 7.38 -9.66
C ILE B 284 2.30 8.74 -10.16
N ASN B 285 2.36 9.72 -9.27
CA ASN B 285 2.82 11.05 -9.63
C ASN B 285 4.32 11.20 -9.43
N LEU B 286 4.77 10.99 -8.20
CA LEU B 286 6.18 11.11 -7.86
C LEU B 286 7.00 9.83 -7.97
N GLY B 287 6.46 8.75 -7.43
CA GLY B 287 7.15 7.48 -7.45
C GLY B 287 7.46 6.94 -8.83
N TRP B 288 6.52 7.16 -9.76
CA TRP B 288 6.65 6.69 -11.13
C TRP B 288 8.08 6.85 -11.64
N PHE B 289 8.63 8.05 -11.51
CA PHE B 289 9.99 8.30 -11.98
C PHE B 289 11.02 8.39 -10.85
N LEU B 290 10.57 8.67 -9.63
CA LEU B 290 11.49 8.78 -8.50
C LEU B 290 11.96 7.40 -8.02
N GLU B 291 11.02 6.49 -7.81
CA GLU B 291 11.39 5.18 -7.31
C GLU B 291 12.37 4.47 -8.25
N PRO B 292 12.19 4.61 -9.56
CA PRO B 292 13.14 3.92 -10.44
C PRO B 292 14.59 4.41 -10.25
N VAL B 293 14.78 5.73 -10.15
CA VAL B 293 16.14 6.24 -9.97
C VAL B 293 16.67 6.00 -8.57
N VAL B 294 15.77 5.78 -7.62
CA VAL B 294 16.20 5.52 -6.24
C VAL B 294 16.54 4.04 -6.03
N ARG B 295 15.62 3.16 -6.40
CA ARG B 295 15.86 1.72 -6.19
C ARG B 295 15.98 0.88 -7.45
N GLY B 296 15.74 1.46 -8.62
CA GLY B 296 15.87 0.68 -9.85
C GLY B 296 14.61 0.10 -10.47
N ASP B 297 13.45 0.41 -9.89
CA ASP B 297 12.20 -0.11 -10.44
C ASP B 297 11.04 0.79 -10.03
N TYR B 298 9.89 0.57 -10.65
CA TYR B 298 8.69 1.37 -10.37
C TYR B 298 8.07 1.00 -9.02
N PRO B 299 7.17 1.87 -8.53
CA PRO B 299 6.51 1.59 -7.25
C PRO B 299 5.73 0.29 -7.38
N PHE B 300 5.68 -0.49 -6.31
CA PHE B 300 4.95 -1.76 -6.33
C PHE B 300 3.49 -1.48 -6.74
N SER B 301 2.90 -0.44 -6.18
CA SER B 301 1.51 -0.12 -6.50
C SER B 301 1.29 -0.02 -8.01
N MET B 302 2.15 0.72 -8.69
CA MET B 302 2.01 0.89 -10.14
C MET B 302 2.12 -0.43 -10.90
N ARG B 303 3.06 -1.27 -10.51
CA ARG B 303 3.23 -2.56 -11.16
C ARG B 303 2.02 -3.46 -10.93
N SER B 304 1.45 -3.40 -9.74
CA SER B 304 0.28 -4.24 -9.43
C SER B 304 -0.97 -3.74 -10.14
N LEU B 305 -1.01 -2.44 -10.44
CA LEU B 305 -2.17 -1.85 -11.08
C LEU B 305 -2.07 -1.69 -12.60
N ALA B 306 -0.94 -1.19 -13.08
CA ALA B 306 -0.75 -1.02 -14.53
C ALA B 306 -0.38 -2.35 -15.18
N ARG B 307 0.20 -3.24 -14.38
CA ARG B 307 0.61 -4.57 -14.84
C ARG B 307 1.41 -4.60 -16.13
N GLU B 308 0.96 -5.41 -17.10
CA GLU B 308 1.68 -5.54 -18.36
C GLU B 308 1.80 -4.25 -19.15
N ARG B 309 1.00 -3.25 -18.80
CA ARG B 309 1.07 -1.97 -19.50
C ARG B 309 2.29 -1.17 -19.03
N LEU B 310 2.85 -1.57 -17.90
CA LEU B 310 4.04 -0.92 -17.34
C LEU B 310 5.22 -1.84 -17.64
N PRO B 311 6.06 -1.44 -18.62
CA PRO B 311 7.22 -2.24 -19.01
C PRO B 311 8.13 -2.65 -17.86
N PHE B 312 8.82 -3.78 -18.06
CA PHE B 312 9.74 -4.30 -17.07
C PHE B 312 11.17 -3.88 -17.42
N PHE B 313 11.98 -3.65 -16.40
CA PHE B 313 13.37 -3.27 -16.63
C PHE B 313 14.21 -4.54 -16.61
N LYS B 314 15.31 -4.53 -17.34
CA LYS B 314 16.22 -5.67 -17.34
C LYS B 314 17.06 -5.46 -16.08
N ASP B 315 17.64 -6.52 -15.54
CA ASP B 315 18.46 -6.37 -14.33
C ASP B 315 19.55 -5.31 -14.50
N GLU B 316 20.20 -5.31 -15.66
CA GLU B 316 21.26 -4.36 -15.93
C GLU B 316 20.75 -2.92 -15.88
N GLN B 317 19.53 -2.72 -16.38
CA GLN B 317 18.93 -1.39 -16.41
C GLN B 317 18.58 -0.93 -15.00
N LYS B 318 18.09 -1.86 -14.18
CA LYS B 318 17.74 -1.54 -12.80
C LYS B 318 18.98 -1.03 -12.07
N GLU B 319 20.13 -1.67 -12.34
CA GLU B 319 21.39 -1.28 -11.71
C GLU B 319 21.81 0.13 -12.11
N LYS B 320 21.73 0.43 -13.40
CA LYS B 320 22.10 1.76 -13.88
C LYS B 320 21.16 2.81 -13.29
N LEU B 321 19.89 2.44 -13.18
CA LEU B 321 18.86 3.33 -12.66
C LEU B 321 19.00 3.64 -11.18
N ALA B 322 19.18 2.61 -10.36
CA ALA B 322 19.29 2.79 -8.92
C ALA B 322 20.45 3.70 -8.53
N GLY B 323 20.13 4.80 -7.86
CA GLY B 323 21.16 5.73 -7.42
C GLY B 323 21.73 6.58 -8.55
N SER B 324 20.98 6.71 -9.64
CA SER B 324 21.44 7.49 -10.78
C SER B 324 21.19 8.98 -10.62
N TYR B 325 21.76 9.58 -9.58
CA TYR B 325 21.58 11.01 -9.32
C TYR B 325 22.42 11.44 -8.12
N ASN B 326 22.73 12.73 -8.04
CA ASN B 326 23.48 13.29 -6.94
C ASN B 326 22.59 14.31 -6.26
N MET B 327 21.51 14.65 -6.93
CA MET B 327 20.54 15.61 -6.42
C MET B 327 19.27 15.45 -7.23
N LEU B 328 18.14 15.89 -6.68
CA LEU B 328 16.88 15.78 -7.41
C LEU B 328 16.17 17.10 -7.37
N GLY B 329 15.48 17.41 -8.46
CA GLY B 329 14.71 18.62 -8.53
C GLY B 329 13.26 18.28 -8.27
N LEU B 330 12.57 19.20 -7.62
CA LEU B 330 11.17 19.02 -7.33
C LEU B 330 10.45 20.25 -7.85
N ASN B 331 9.48 20.04 -8.74
CA ASN B 331 8.70 21.15 -9.30
C ASN B 331 7.35 21.06 -8.61
N TYR B 332 7.17 21.95 -7.64
CA TYR B 332 5.96 21.97 -6.85
C TYR B 332 5.16 23.25 -7.01
N TYR B 333 3.86 23.09 -7.23
CA TYR B 333 2.96 24.22 -7.39
C TYR B 333 1.74 24.12 -6.49
N THR B 334 1.18 22.93 -6.39
CA THR B 334 -0.03 22.75 -5.61
C THR B 334 -0.20 21.32 -5.09
N SER B 335 -1.34 21.05 -4.48
CA SER B 335 -1.63 19.74 -3.94
C SER B 335 -3.10 19.42 -4.18
N ARG B 336 -3.46 18.16 -3.91
CA ARG B 336 -4.84 17.70 -4.10
C ARG B 336 -5.21 16.70 -3.02
N PHE B 337 -6.51 16.53 -2.81
CA PHE B 337 -6.98 15.55 -1.85
C PHE B 337 -7.17 14.28 -2.67
N SER B 338 -6.62 13.16 -2.20
CA SER B 338 -6.75 11.90 -2.92
C SER B 338 -7.92 11.12 -2.31
N LYS B 339 -8.91 10.82 -3.14
CA LYS B 339 -10.09 10.08 -2.69
C LYS B 339 -10.08 8.68 -3.28
N ASN B 340 -10.21 7.69 -2.41
CA ASN B 340 -10.19 6.30 -2.81
C ASN B 340 -11.21 5.88 -3.86
N ILE B 341 -10.80 4.92 -4.71
CA ILE B 341 -11.67 4.35 -5.73
C ILE B 341 -11.39 2.85 -5.66
N ASP B 342 -12.42 2.07 -5.36
CA ASP B 342 -12.29 0.63 -5.26
C ASP B 342 -12.14 -0.03 -6.62
N ILE B 343 -11.44 -1.15 -6.64
CA ILE B 343 -11.31 -1.91 -7.88
C ILE B 343 -12.63 -2.64 -7.97
N SER B 344 -13.29 -2.58 -9.13
CA SER B 344 -14.57 -3.25 -9.28
C SER B 344 -15.06 -3.22 -10.72
N PRO B 345 -16.06 -4.04 -11.04
CA PRO B 345 -16.59 -4.05 -12.40
C PRO B 345 -17.16 -2.70 -12.82
N ASN B 346 -17.43 -1.84 -11.84
CA ASN B 346 -17.98 -0.52 -12.13
C ASN B 346 -16.95 0.54 -12.50
N TYR B 347 -15.67 0.19 -12.49
CA TYR B 347 -14.64 1.16 -12.83
C TYR B 347 -13.57 0.59 -13.75
N SER B 348 -13.20 1.37 -14.76
CA SER B 348 -12.17 0.98 -15.72
C SER B 348 -11.32 2.21 -16.00
N PRO B 349 -10.00 2.13 -15.72
CA PRO B 349 -9.17 3.30 -15.99
C PRO B 349 -9.17 3.68 -17.48
N VAL B 350 -9.17 4.98 -17.76
CA VAL B 350 -9.17 5.47 -19.14
C VAL B 350 -7.81 6.10 -19.44
N LEU B 351 -7.34 6.91 -18.51
CA LEU B 351 -6.06 7.59 -18.60
C LEU B 351 -5.04 6.83 -17.76
N ASN B 352 -3.76 6.94 -18.11
CA ASN B 352 -2.74 6.25 -17.33
C ASN B 352 -2.84 6.68 -15.87
N THR B 353 -3.14 7.96 -15.63
CA THR B 353 -3.24 8.46 -14.27
C THR B 353 -4.38 7.82 -13.47
N ASP B 354 -5.33 7.21 -14.17
CA ASP B 354 -6.45 6.56 -13.48
C ASP B 354 -5.99 5.25 -12.82
N ASP B 355 -4.79 4.79 -13.14
CA ASP B 355 -4.28 3.55 -12.55
C ASP B 355 -4.01 3.66 -11.05
N ALA B 356 -4.11 4.86 -10.51
CA ALA B 356 -3.87 5.06 -9.09
C ALA B 356 -5.12 4.77 -8.27
N TYR B 357 -6.24 4.53 -8.96
CA TYR B 357 -7.50 4.26 -8.29
C TYR B 357 -7.76 5.28 -7.19
N ALA B 358 -7.77 6.54 -7.59
CA ALA B 358 -8.00 7.62 -6.67
C ALA B 358 -8.30 8.88 -7.46
N SER B 359 -9.37 9.58 -7.09
CA SER B 359 -9.70 10.82 -7.77
C SER B 359 -8.93 11.91 -7.04
N GLN B 360 -8.38 12.86 -7.78
CA GLN B 360 -7.62 13.93 -7.16
C GLN B 360 -8.54 15.14 -7.08
N GLU B 361 -8.95 15.48 -5.85
CA GLU B 361 -9.88 16.58 -5.62
C GLU B 361 -9.23 17.87 -5.17
N VAL B 362 -9.81 18.99 -5.60
CA VAL B 362 -9.34 20.30 -5.22
C VAL B 362 -10.04 20.64 -3.91
N ASN B 363 -11.32 20.28 -3.83
CA ASN B 363 -12.11 20.52 -2.62
C ASN B 363 -12.15 19.31 -1.72
N GLY B 364 -11.99 19.55 -0.42
CA GLY B 364 -12.03 18.48 0.55
C GLY B 364 -13.46 18.09 0.81
N PRO B 365 -13.70 17.16 1.76
CA PRO B 365 -15.08 16.74 2.06
C PRO B 365 -15.95 17.87 2.59
N ASP B 366 -15.32 19.00 2.95
CA ASP B 366 -16.05 20.14 3.48
C ASP B 366 -16.40 21.15 2.39
N GLY B 367 -16.11 20.80 1.14
CA GLY B 367 -16.42 21.69 0.04
C GLY B 367 -15.47 22.86 -0.13
N LYS B 368 -14.43 22.93 0.70
CA LYS B 368 -13.46 24.02 0.60
C LYS B 368 -12.23 23.59 -0.17
N PRO B 369 -11.63 24.50 -0.94
CA PRO B 369 -10.43 24.15 -1.72
C PRO B 369 -9.30 23.78 -0.77
N ILE B 370 -8.40 22.93 -1.24
CA ILE B 370 -7.28 22.49 -0.41
C ILE B 370 -6.47 23.70 0.03
N GLY B 371 -6.48 24.75 -0.78
CA GLY B 371 -5.78 25.97 -0.48
C GLY B 371 -6.32 27.07 -1.39
N PRO B 372 -6.04 28.35 -1.10
CA PRO B 372 -6.54 29.44 -1.94
C PRO B 372 -6.16 29.35 -3.42
N PRO B 373 -7.13 29.63 -4.32
CA PRO B 373 -6.86 29.58 -5.77
C PRO B 373 -5.88 30.69 -6.15
N MET B 374 -4.88 30.35 -6.96
CA MET B 374 -3.88 31.34 -7.36
C MET B 374 -4.21 32.06 -8.65
N GLY B 375 -5.37 31.78 -9.23
CA GLY B 375 -5.74 32.47 -10.46
C GLY B 375 -6.04 31.62 -11.66
N ASN B 376 -5.09 30.76 -12.06
CA ASN B 376 -5.31 29.92 -13.23
C ASN B 376 -6.19 28.71 -12.90
N PRO B 377 -6.45 27.84 -13.88
CA PRO B 377 -7.29 26.65 -13.68
C PRO B 377 -6.84 25.58 -12.69
N TRP B 378 -5.59 25.59 -12.26
CA TRP B 378 -5.16 24.49 -11.40
C TRP B 378 -4.25 24.75 -10.20
N ILE B 379 -3.72 25.96 -10.06
CA ILE B 379 -2.84 26.20 -8.94
C ILE B 379 -3.57 26.70 -7.69
N TYR B 380 -3.49 25.89 -6.64
CA TYR B 380 -4.09 26.23 -5.36
C TYR B 380 -2.95 26.24 -4.37
N MET B 381 -2.82 27.35 -3.66
CA MET B 381 -1.73 27.51 -2.70
C MET B 381 -1.86 26.64 -1.47
N TYR B 382 -0.91 25.73 -1.32
CA TYR B 382 -0.87 24.81 -0.20
C TYR B 382 0.59 24.49 0.08
N PRO B 383 1.32 25.44 0.71
CA PRO B 383 2.74 25.30 1.04
C PRO B 383 3.02 24.03 1.85
N GLU B 384 2.06 23.67 2.70
CA GLU B 384 2.19 22.48 3.54
C GLU B 384 2.48 21.23 2.71
N GLY B 385 1.95 21.21 1.49
CA GLY B 385 2.17 20.07 0.61
C GLY B 385 3.64 19.93 0.25
N LEU B 386 4.34 21.06 0.14
CA LEU B 386 5.76 21.05 -0.17
C LEU B 386 6.49 20.43 1.01
N LYS B 387 6.07 20.79 2.22
CA LYS B 387 6.70 20.25 3.42
C LYS B 387 6.48 18.74 3.46
N ASP B 388 5.24 18.31 3.22
CA ASP B 388 4.93 16.88 3.22
C ASP B 388 5.86 16.19 2.23
N LEU B 389 5.93 16.75 1.03
CA LEU B 389 6.77 16.19 -0.02
C LEU B 389 8.21 16.06 0.47
N LEU B 390 8.75 17.13 1.04
CA LEU B 390 10.12 17.12 1.52
C LEU B 390 10.31 16.12 2.68
N MET B 391 9.26 15.93 3.47
CA MET B 391 9.36 14.99 4.57
C MET B 391 9.37 13.57 4.03
N ILE B 392 8.71 13.36 2.89
CA ILE B 392 8.68 12.05 2.28
C ILE B 392 10.05 11.77 1.68
N MET B 393 10.63 12.79 1.06
CA MET B 393 11.95 12.65 0.45
C MET B 393 12.96 12.37 1.56
N LYS B 394 12.80 13.04 2.68
CA LYS B 394 13.70 12.88 3.81
C LYS B 394 13.58 11.50 4.47
N ASN B 395 12.37 11.13 4.88
CA ASN B 395 12.14 9.88 5.58
C ASN B 395 12.00 8.60 4.78
N LYS B 396 11.55 8.68 3.53
CA LYS B 396 11.38 7.47 2.75
C LYS B 396 12.42 7.24 1.67
N TYR B 397 12.81 8.30 0.98
CA TYR B 397 13.76 8.16 -0.10
C TYR B 397 15.21 8.57 0.11
N GLY B 398 15.70 8.44 1.35
CA GLY B 398 17.10 8.74 1.63
C GLY B 398 17.55 10.17 1.83
N ASN B 399 16.59 11.10 1.98
CA ASN B 399 16.90 12.51 2.18
C ASN B 399 18.04 13.01 1.28
N PRO B 400 17.91 12.84 -0.04
CA PRO B 400 18.94 13.28 -0.98
C PRO B 400 18.93 14.80 -1.15
N PRO B 401 20.00 15.37 -1.73
CA PRO B 401 20.01 16.83 -1.90
C PRO B 401 18.83 17.19 -2.80
N ILE B 402 18.02 18.16 -2.37
CA ILE B 402 16.86 18.57 -3.14
C ILE B 402 16.86 20.04 -3.54
N TYR B 403 16.41 20.31 -4.76
CA TYR B 403 16.27 21.66 -5.24
C TYR B 403 14.84 21.85 -5.72
N ILE B 404 14.16 22.88 -5.23
CA ILE B 404 12.82 23.14 -5.70
C ILE B 404 13.11 23.87 -7.02
N THR B 405 13.21 23.07 -8.08
CA THR B 405 13.52 23.57 -9.41
C THR B 405 12.44 24.40 -10.11
N GLU B 406 11.25 24.43 -9.52
CA GLU B 406 10.13 25.20 -10.05
C GLU B 406 9.12 25.47 -8.96
N ASN B 407 8.69 26.73 -8.88
CA ASN B 407 7.66 27.13 -7.93
C ASN B 407 7.20 28.53 -8.31
N GLY B 408 5.90 28.66 -8.57
CA GLY B 408 5.37 29.94 -8.96
C GLY B 408 3.91 29.80 -9.32
N ILE B 409 3.32 30.84 -9.88
CA ILE B 409 1.92 30.81 -10.28
C ILE B 409 1.78 31.48 -11.62
N GLY B 410 0.63 31.28 -12.25
CA GLY B 410 0.39 31.89 -13.55
C GLY B 410 -0.72 32.92 -13.47
N ASP B 411 -0.40 34.16 -13.81
CA ASP B 411 -1.39 35.23 -13.81
C ASP B 411 -2.14 35.16 -15.13
N VAL B 412 -3.44 34.94 -15.07
CA VAL B 412 -4.24 34.85 -16.29
C VAL B 412 -4.27 36.18 -17.02
N ASP B 413 -4.00 36.13 -18.31
CA ASP B 413 -3.98 37.31 -19.15
C ASP B 413 -4.49 36.85 -20.52
N THR B 414 -5.79 37.01 -20.74
CA THR B 414 -6.41 36.57 -21.98
C THR B 414 -6.96 37.73 -22.80
N LYS B 415 -7.29 37.45 -24.06
CA LYS B 415 -7.83 38.48 -24.95
C LYS B 415 -9.18 38.92 -24.40
N GLU B 416 -9.92 37.99 -23.82
CA GLU B 416 -11.23 38.31 -23.27
C GLU B 416 -11.08 39.08 -21.96
N THR B 417 -10.00 38.79 -21.25
CA THR B 417 -9.72 39.45 -19.97
C THR B 417 -8.25 39.76 -19.86
N PRO B 418 -7.78 40.77 -20.59
CA PRO B 418 -6.36 41.14 -20.55
C PRO B 418 -5.93 41.60 -19.16
N LEU B 419 -4.66 41.39 -18.85
CA LEU B 419 -4.12 41.79 -17.57
C LEU B 419 -3.31 43.06 -17.82
N PRO B 420 -3.79 44.21 -17.32
CA PRO B 420 -3.08 45.49 -17.53
C PRO B 420 -1.63 45.34 -17.07
N MET B 421 -0.71 46.00 -17.77
CA MET B 421 0.69 45.90 -17.40
C MET B 421 0.89 46.23 -15.93
N GLU B 422 0.26 47.32 -15.48
CA GLU B 422 0.38 47.75 -14.08
C GLU B 422 0.01 46.63 -13.12
N ALA B 423 -1.15 46.02 -13.34
CA ALA B 423 -1.59 44.92 -12.49
C ALA B 423 -0.63 43.74 -12.64
N ALA B 424 -0.15 43.51 -13.86
CA ALA B 424 0.79 42.42 -14.10
C ALA B 424 2.06 42.60 -13.28
N LEU B 425 2.52 43.84 -13.16
CA LEU B 425 3.74 44.14 -12.41
C LEU B 425 3.53 44.04 -10.91
N ASN B 426 2.32 44.37 -10.45
CA ASN B 426 2.02 44.30 -9.02
C ASN B 426 1.52 42.89 -8.68
N ASP B 427 2.36 41.90 -8.93
CA ASP B 427 1.99 40.51 -8.68
C ASP B 427 2.15 40.12 -7.22
N TYR B 428 1.37 40.75 -6.35
CA TYR B 428 1.44 40.48 -4.94
C TYR B 428 0.97 39.08 -4.58
N LYS B 429 0.04 38.54 -5.36
CA LYS B 429 -0.43 37.19 -5.12
C LYS B 429 0.77 36.25 -5.33
N ARG B 430 1.49 36.45 -6.43
CA ARG B 430 2.67 35.64 -6.71
C ARG B 430 3.70 35.85 -5.61
N LEU B 431 3.90 37.10 -5.21
CA LEU B 431 4.86 37.41 -4.16
C LEU B 431 4.53 36.67 -2.86
N ASP B 432 3.28 36.78 -2.43
CA ASP B 432 2.83 36.13 -1.20
C ASP B 432 3.09 34.62 -1.31
N TYR B 433 2.69 34.06 -2.45
CA TYR B 433 2.86 32.64 -2.72
C TYR B 433 4.32 32.20 -2.62
N ILE B 434 5.21 32.95 -3.26
CA ILE B 434 6.63 32.61 -3.24
C ILE B 434 7.22 32.73 -1.83
N GLN B 435 6.88 33.81 -1.13
CA GLN B 435 7.38 33.99 0.22
C GLN B 435 6.97 32.83 1.13
N ARG B 436 5.72 32.40 1.03
CA ARG B 436 5.23 31.30 1.85
C ARG B 436 5.94 29.99 1.57
N HIS B 437 6.21 29.69 0.30
CA HIS B 437 6.91 28.45 -0.03
C HIS B 437 8.38 28.54 0.38
N ILE B 438 8.96 29.72 0.30
CA ILE B 438 10.34 29.90 0.72
C ILE B 438 10.39 29.67 2.23
N ALA B 439 9.38 30.16 2.93
CA ALA B 439 9.29 30.02 4.38
C ALA B 439 9.16 28.53 4.69
N THR B 440 8.32 27.84 3.94
CA THR B 440 8.13 26.42 4.12
C THR B 440 9.46 25.67 4.01
N LEU B 441 10.35 26.16 3.15
CA LEU B 441 11.65 25.50 3.00
C LEU B 441 12.46 25.67 4.27
N LYS B 442 12.42 26.87 4.85
CA LYS B 442 13.13 27.14 6.08
C LYS B 442 12.64 26.16 7.14
N GLU B 443 11.33 26.00 7.23
CA GLU B 443 10.74 25.09 8.19
C GLU B 443 11.18 23.67 7.89
N SER B 444 11.12 23.29 6.61
CA SER B 444 11.51 21.94 6.21
C SER B 444 12.97 21.68 6.52
N ILE B 445 13.82 22.69 6.33
CA ILE B 445 15.24 22.53 6.61
C ILE B 445 15.44 22.23 8.10
N ASP B 446 14.79 23.00 8.96
CA ASP B 446 14.93 22.78 10.40
C ASP B 446 14.42 21.39 10.76
N LEU B 447 13.40 20.93 10.06
CA LEU B 447 12.86 19.59 10.31
C LEU B 447 13.77 18.49 9.76
N GLY B 448 14.91 18.89 9.18
CA GLY B 448 15.85 17.91 8.67
C GLY B 448 15.88 17.68 7.17
N SER B 449 15.05 18.41 6.43
CA SER B 449 15.03 18.26 4.98
C SER B 449 16.36 18.65 4.36
N ASN B 450 16.81 17.86 3.40
CA ASN B 450 18.09 18.14 2.74
C ASN B 450 17.90 19.02 1.50
N VAL B 451 16.93 19.93 1.57
CA VAL B 451 16.70 20.84 0.46
C VAL B 451 17.84 21.86 0.44
N GLN B 452 18.40 22.11 -0.74
CA GLN B 452 19.54 23.01 -0.87
C GLN B 452 19.30 24.26 -1.74
N GLY B 453 18.12 24.37 -2.33
CA GLY B 453 17.86 25.53 -3.18
C GLY B 453 16.43 25.70 -3.59
N TYR B 454 16.13 26.89 -4.13
CA TYR B 454 14.79 27.23 -4.57
C TYR B 454 14.87 28.06 -5.85
N PHE B 455 14.14 27.63 -6.88
CA PHE B 455 14.11 28.36 -8.14
C PHE B 455 12.72 28.87 -8.42
N ALA B 456 12.55 30.18 -8.45
CA ALA B 456 11.25 30.77 -8.74
C ALA B 456 10.93 30.34 -10.16
N TRP B 457 9.79 29.71 -10.40
CA TRP B 457 9.52 29.30 -11.75
C TRP B 457 9.10 30.42 -12.64
N SER B 458 9.88 30.54 -13.71
CA SER B 458 9.72 31.50 -14.74
C SER B 458 10.32 32.85 -14.45
N LEU B 459 11.54 33.00 -14.91
CA LEU B 459 12.26 34.25 -14.78
C LEU B 459 11.40 35.20 -15.59
N LEU B 460 10.87 34.70 -16.70
CA LEU B 460 10.09 35.49 -17.64
C LEU B 460 8.67 35.04 -17.97
N ASP B 461 7.86 36.00 -18.44
CA ASP B 461 6.51 35.67 -18.89
C ASP B 461 6.85 35.02 -20.24
N ASN B 462 6.22 33.89 -20.55
CA ASN B 462 6.52 33.24 -21.81
C ASN B 462 5.41 32.34 -22.28
N PHE B 463 5.68 31.53 -23.30
CA PHE B 463 4.71 30.60 -23.86
C PHE B 463 4.39 29.57 -22.79
N GLU B 464 3.11 29.24 -22.63
CA GLU B 464 2.71 28.27 -21.62
C GLU B 464 2.08 27.02 -22.19
N TRP B 465 2.74 26.46 -23.20
CA TRP B 465 2.28 25.23 -23.83
C TRP B 465 0.84 25.32 -24.36
N PHE B 466 -0.03 24.40 -23.98
CA PHE B 466 -1.40 24.47 -24.48
C PHE B 466 -2.16 25.71 -24.03
N ALA B 467 -1.65 26.38 -22.99
CA ALA B 467 -2.29 27.59 -22.49
C ALA B 467 -1.81 28.79 -23.31
N GLY B 468 -0.85 28.55 -24.21
CA GLY B 468 -0.33 29.62 -25.04
C GLY B 468 0.21 30.79 -24.23
N PHE B 469 -0.29 31.99 -24.51
CA PHE B 469 0.15 33.18 -23.81
C PHE B 469 -0.96 33.69 -22.87
N THR B 470 -1.88 32.82 -22.49
CA THR B 470 -2.98 33.19 -21.61
C THR B 470 -2.58 33.31 -20.15
N GLU B 471 -1.33 33.01 -19.83
CA GLU B 471 -0.85 33.11 -18.47
C GLU B 471 0.57 33.65 -18.39
N ARG B 472 0.82 34.52 -17.42
CA ARG B 472 2.15 35.09 -17.21
C ARG B 472 2.71 34.48 -15.92
N TYR B 473 3.72 33.62 -16.07
CA TYR B 473 4.34 32.96 -14.92
C TYR B 473 5.63 33.63 -14.45
N GLY B 474 6.08 34.65 -15.16
CA GLY B 474 7.33 35.29 -14.79
C GLY B 474 7.36 36.20 -13.58
N ILE B 475 8.55 36.37 -13.03
CA ILE B 475 8.75 37.28 -11.90
C ILE B 475 9.18 38.56 -12.61
N VAL B 476 9.46 38.40 -13.91
CA VAL B 476 9.86 39.50 -14.78
C VAL B 476 8.84 39.56 -15.91
N TYR B 477 8.29 40.74 -16.12
CA TYR B 477 7.28 40.95 -17.16
C TYR B 477 7.91 41.11 -18.54
N VAL B 478 7.29 40.53 -19.56
CA VAL B 478 7.78 40.65 -20.93
C VAL B 478 6.71 41.35 -21.77
N ASP B 479 7.03 42.55 -22.24
CA ASP B 479 6.10 43.31 -23.06
C ASP B 479 6.32 42.92 -24.51
N ARG B 480 5.58 41.89 -24.95
CA ARG B 480 5.72 41.39 -26.30
C ARG B 480 5.33 42.41 -27.37
N ASN B 481 4.48 43.37 -27.01
CA ASN B 481 4.05 44.40 -27.94
C ASN B 481 5.17 45.39 -28.18
N ASN B 482 6.16 45.38 -27.28
CA ASN B 482 7.28 46.30 -27.39
C ASN B 482 8.65 45.63 -27.34
N ASN B 483 8.99 44.88 -28.39
CA ASN B 483 10.28 44.19 -28.47
C ASN B 483 10.62 43.33 -27.26
N CYS B 484 9.62 42.62 -26.74
CA CYS B 484 9.82 41.75 -25.58
C CYS B 484 10.62 42.39 -24.45
N THR B 485 10.42 43.69 -24.24
CA THR B 485 11.13 44.39 -23.18
C THR B 485 10.73 43.80 -21.83
N ARG B 486 11.71 43.59 -20.96
CA ARG B 486 11.43 43.02 -19.65
C ARG B 486 11.36 44.08 -18.56
N TYR B 487 10.47 43.86 -17.59
CA TYR B 487 10.28 44.77 -16.47
C TYR B 487 10.11 43.90 -15.24
N MET B 488 10.84 44.22 -14.17
CA MET B 488 10.72 43.44 -12.95
C MET B 488 9.35 43.65 -12.31
N LYS B 489 8.74 42.56 -11.86
CA LYS B 489 7.45 42.65 -11.19
C LYS B 489 7.78 42.84 -9.71
N GLU B 490 6.77 43.08 -8.88
CA GLU B 490 7.03 43.24 -7.46
C GLU B 490 7.72 42.01 -6.91
N SER B 491 7.34 40.84 -7.40
CA SER B 491 7.94 39.60 -6.93
C SER B 491 9.44 39.63 -7.17
N ALA B 492 9.85 40.05 -8.36
CA ALA B 492 11.26 40.14 -8.70
C ALA B 492 11.95 41.16 -7.79
N LYS B 493 11.29 42.29 -7.57
CA LYS B 493 11.87 43.32 -6.72
C LYS B 493 12.10 42.81 -5.29
N TRP B 494 11.16 42.02 -4.78
CA TRP B 494 11.34 41.49 -3.43
C TRP B 494 12.46 40.45 -3.39
N LEU B 495 12.53 39.61 -4.43
CA LEU B 495 13.58 38.61 -4.50
C LEU B 495 14.94 39.32 -4.54
N LYS B 496 15.00 40.45 -5.24
CA LYS B 496 16.23 41.22 -5.34
C LYS B 496 16.61 41.68 -3.92
N GLU B 497 15.66 42.30 -3.24
CA GLU B 497 15.87 42.79 -1.89
C GLU B 497 16.32 41.64 -0.99
N PHE B 498 15.56 40.56 -1.03
CA PHE B 498 15.84 39.37 -0.26
C PHE B 498 17.26 38.86 -0.48
N ASN B 499 17.66 38.74 -1.74
CA ASN B 499 18.98 38.26 -2.11
C ASN B 499 20.14 39.21 -1.79
N THR B 500 19.91 40.50 -1.97
CA THR B 500 20.96 41.49 -1.75
C THR B 500 20.98 42.15 -0.38
N ALA B 501 20.04 41.78 0.49
CA ALA B 501 19.96 42.34 1.83
C ALA B 501 21.28 42.20 2.57
C2 BGC C . -5.73 -22.43 14.75
C3 BGC C . -6.31 -22.94 16.08
C4 BGC C . -5.70 -24.26 16.52
C5 BGC C . -4.18 -24.11 16.50
C6 BGC C . -3.48 -25.37 16.97
C1 BGC C . -4.20 -22.62 14.62
O1 BGC C . -3.80 -23.15 12.50
O2 BGC C . -6.04 -21.05 14.64
O3 BGC C . -7.72 -23.09 15.95
O4 BGC C . -6.13 -24.57 17.81
O5 BGC C . -3.74 -23.87 15.16
O6 BGC C . -4.38 -26.24 17.65
N2 DHR D . -1.80 -21.00 11.49
C2 DHR D . -1.91 -22.09 11.90
C3 DHR D . -1.21 -24.49 11.81
C4 DHR D . -1.32 -25.83 12.17
C8 DHR D . -0.20 -24.05 10.91
C7 DHR D . 0.70 -24.98 10.38
C5 DHR D . -0.42 -26.78 11.62
C6 DHR D . 0.60 -26.35 10.73
O6 DHR D . 1.48 -27.26 10.18
C1 DHR D . -2.21 -23.47 12.45
C2 BGC E . 4.86 23.26 -15.04
C3 BGC E . 5.09 24.75 -15.24
C4 BGC E . 4.08 25.29 -16.24
C5 BGC E . 2.66 24.97 -15.75
C6 BGC E . 1.58 25.41 -16.72
C1 BGC E . 3.42 22.95 -14.63
O1 BGC E . 3.29 21.54 -14.56
O2 BGC E . 5.75 22.74 -14.06
O3 BGC E . 6.40 24.98 -15.71
O4 BGC E . 4.24 26.69 -16.39
O5 BGC E . 2.49 23.54 -15.57
O6 BGC E . 2.14 26.06 -17.87
N2 DHR F . 3.57 21.29 -17.31
C2 DHR F . 2.86 21.03 -16.42
C3 DHR F . 0.55 21.16 -15.44
C4 DHR F . -0.36 20.94 -14.39
C8 DHR F . 0.12 21.64 -16.70
C7 DHR F . -1.25 21.89 -16.90
C5 DHR F . -1.73 21.19 -14.60
C6 DHR F . -2.18 21.66 -15.87
O6 DHR F . -3.52 21.89 -16.08
C1 DHR F . 2.06 20.80 -15.15
#